data_2VC9
#
_entry.id   2VC9
#
_cell.length_a   90.960
_cell.length_b   90.960
_cell.length_c   252.400
_cell.angle_alpha   90.00
_cell.angle_beta   90.00
_cell.angle_gamma   120.00
#
_symmetry.space_group_name_H-M   'P 61'
#
loop_
_entity.id
_entity.type
_entity.pdbx_description
1 polymer ALPHA-N-ACETYLGLUCOSAMINIDASE
2 non-polymer 2-ACETAMIDO-1,2-DIDEOXYNOJIRMYCIN
3 non-polymer GLYCEROL
4 non-polymer 'CALCIUM ION'
5 water water
#
_entity_poly.entity_id   1
_entity_poly.type   'polypeptide(L)'
_entity_poly.pdbx_seq_one_letter_code
;GVEITEGVTVTAKGNTEGNTADLAIDGDLSTYWESSNDYKWIEVDLGGIYELSKIEIFNKDEAVYKYNIYASEDGENFNK
IAYKNNDNVSDSNGNMHTIDNVRAGKIRIDVVQNSNSDRVNIAEINVFGKNTGESLPEVKKIATSNFSETPWATEYEKFN
SDSAYANEKTLNEIKNLVGRVIGREFKDKFIFEIRDQLNGNDVFEVSDSGDGKVLIKGNNGVSLASGFNYYLKNYCNVSY
NPIMGSNLKMPETMPSVGERVVIDTPYEHRYALNFCTYSYTMSFWDWDQYEEFLDWCAMNGVNLVLDIIGQEEVLRRTLN
EFGYSDEEVKEFISGPAYFAWFYMQNMTGFGGPLPNDWFEQRAELGRKMHDRMQSFGINPVLQGYSGMVPRDFKEKNQEA
QTISQGGWCGFDRPDMLKTYVNEGEADYFQKVADVFYEKQKEVFGDVTNFYGVDPFHEGGNTGDLDNGKIYEIIQNKMIE
HDNDAVWVIQNWQGNPSNNKLEGLTKKDQAMVLDLFSEVSPDWNRLEERDLPWIWNMLHNFGGRMGMDAAPEKLATEIPK
ALANSEHMVGIGITPEAINTNPLAYELLFDMAWTRDQINFRTWTEDYIERRYGKTNKEILEAWNIILDTAYKKRNDYYQG
AAESIINARPGFGIKSASTWGHSKIVYDKSEFEKAIEIFAKNYDEFKDSDAFLYDFADILKQLLANSAQEYYEVMCNAYN
NGNGEKFKFVSGKFLELIKLQERVLSTRPEFLIGNWIEDARTMLKDSDDWTKDLFEFNARALVTTWGSRNNADGGGLKDY
SNRQWSGLTEDYYYARWEKWINGLQAELDGGAKAPNIDWFKMEYDWVNKKSDTDKLYPTEASNENLGELAKIAMESYSVT
NMDKILGENES
;
_entity_poly.pdbx_strand_id   A
#
# COMPACT_ATOMS: atom_id res chain seq x y z
N GLY A 1 2.11 46.42 -6.45
CA GLY A 1 2.70 47.11 -5.27
C GLY A 1 1.71 47.19 -4.13
N VAL A 2 2.15 47.60 -2.94
CA VAL A 2 3.55 47.94 -2.67
C VAL A 2 4.36 46.73 -2.17
N GLU A 3 5.65 46.72 -2.46
CA GLU A 3 6.57 45.67 -2.06
C GLU A 3 6.69 45.59 -0.53
N ILE A 4 6.43 44.41 0.03
CA ILE A 4 6.56 44.18 1.47
C ILE A 4 8.05 44.08 1.75
N THR A 5 8.63 45.15 2.28
CA THR A 5 10.10 45.34 2.28
C THR A 5 10.66 45.45 3.65
N GLU A 6 9.95 44.93 4.61
CA GLU A 6 10.29 45.02 6.01
C GLU A 6 9.50 44.02 6.83
N GLY A 7 10.14 43.40 7.81
CA GLY A 7 9.46 42.49 8.72
C GLY A 7 9.29 41.07 8.21
N VAL A 8 9.82 40.77 7.04
CA VAL A 8 9.67 39.44 6.45
C VAL A 8 10.81 38.46 6.83
N THR A 9 10.42 37.23 7.16
CA THR A 9 11.37 36.17 7.50
C THR A 9 11.04 34.89 6.73
N VAL A 10 11.99 33.95 6.74
CA VAL A 10 11.82 32.70 6.00
C VAL A 10 12.42 31.50 6.75
N THR A 11 11.73 30.36 6.67
CA THR A 11 12.23 29.08 7.17
C THR A 11 12.34 28.06 6.03
N ALA A 12 13.20 27.06 6.22
CA ALA A 12 13.29 25.93 5.32
C ALA A 12 13.59 24.69 6.15
N LYS A 13 13.34 23.52 5.58
CA LYS A 13 13.56 22.26 6.30
C LYS A 13 14.84 21.57 5.85
N GLY A 14 15.53 22.15 4.88
CA GLY A 14 16.83 21.65 4.44
C GLY A 14 17.53 22.66 3.55
N ASN A 15 18.86 22.57 3.51
CA ASN A 15 19.67 23.34 2.56
C ASN A 15 21.11 22.84 2.45
N THR A 16 21.69 22.98 1.26
CA THR A 16 23.13 22.82 1.08
C THR A 16 23.78 24.03 1.75
N GLU A 17 24.99 23.96 2.22
CA GLU A 17 25.50 25.19 2.80
C GLU A 17 26.62 25.85 2.08
N GLY A 18 26.64 27.16 2.14
CA GLY A 18 25.79 27.89 3.07
C GLY A 18 24.73 28.63 2.26
N ASN A 19 23.89 27.84 1.58
CA ASN A 19 22.79 28.33 0.78
C ASN A 19 21.56 28.15 1.63
N THR A 20 21.33 29.10 2.53
N THR A 20 21.36 29.09 2.54
CA THR A 20 20.37 28.94 3.60
CA THR A 20 20.36 28.99 3.62
C THR A 20 19.10 29.80 3.41
C THR A 20 19.06 29.72 3.29
N ALA A 21 17.99 29.37 4.00
CA ALA A 21 16.66 29.97 3.79
C ALA A 21 16.64 31.51 3.60
N ASP A 22 17.22 32.22 4.56
CA ASP A 22 17.33 33.70 4.54
C ASP A 22 17.97 34.29 3.28
N LEU A 23 18.75 33.50 2.56
CA LEU A 23 19.38 33.96 1.33
C LEU A 23 18.38 34.10 0.17
N ALA A 24 17.18 33.55 0.34
CA ALA A 24 16.11 33.73 -0.64
C ALA A 24 15.41 35.08 -0.48
N ILE A 25 15.74 35.81 0.59
CA ILE A 25 15.06 37.07 0.92
C ILE A 25 16.01 38.21 1.36
N ASP A 26 17.26 38.19 0.92
CA ASP A 26 18.24 39.21 1.35
C ASP A 26 18.39 40.42 0.39
N GLY A 27 17.51 40.52 -0.61
CA GLY A 27 17.59 41.57 -1.63
C GLY A 27 18.77 41.42 -2.59
N ASP A 28 19.37 40.23 -2.62
CA ASP A 28 20.61 39.99 -3.31
C ASP A 28 20.45 38.83 -4.29
N LEU A 29 20.54 39.14 -5.58
CA LEU A 29 20.37 38.14 -6.65
C LEU A 29 21.52 37.15 -6.78
N SER A 30 22.63 37.42 -6.10
CA SER A 30 23.82 36.58 -6.22
C SER A 30 23.85 35.51 -5.13
N THR A 31 23.05 35.68 -4.09
CA THR A 31 22.92 34.70 -3.02
C THR A 31 21.58 33.98 -3.17
N TYR A 32 21.55 32.70 -2.80
CA TYR A 32 20.33 31.90 -2.96
C TYR A 32 20.15 30.81 -1.90
N TRP A 33 18.90 30.49 -1.57
CA TRP A 33 18.59 29.24 -0.89
C TRP A 33 18.67 28.10 -1.92
N GLU A 34 19.18 26.95 -1.49
CA GLU A 34 19.20 25.74 -2.32
C GLU A 34 18.86 24.52 -1.47
N SER A 35 17.96 23.67 -1.99
CA SER A 35 17.53 22.45 -1.30
C SER A 35 18.64 21.43 -1.23
N SER A 36 18.62 20.63 -0.16
CA SER A 36 19.58 19.55 0.02
C SER A 36 18.89 18.20 -0.02
N ASN A 37 17.60 18.20 0.30
CA ASN A 37 16.84 16.97 0.38
C ASN A 37 15.50 17.08 -0.32
N ASP A 38 14.53 16.27 0.10
CA ASP A 38 13.25 16.20 -0.60
C ASP A 38 12.27 17.29 -0.16
N TYR A 39 12.61 18.02 0.89
CA TYR A 39 11.93 19.25 1.25
C TYR A 39 12.40 20.38 0.32
N LYS A 40 11.66 20.56 -0.76
CA LYS A 40 12.06 21.50 -1.81
C LYS A 40 11.23 22.79 -1.78
N TRP A 41 10.74 23.11 -0.58
CA TRP A 41 9.94 24.31 -0.33
C TRP A 41 10.50 25.18 0.80
N ILE A 42 10.20 26.48 0.70
CA ILE A 42 10.45 27.44 1.77
C ILE A 42 9.15 28.06 2.23
N GLU A 43 9.13 28.49 3.49
CA GLU A 43 8.01 29.23 4.06
C GLU A 43 8.42 30.66 4.47
N VAL A 44 7.75 31.63 3.85
CA VAL A 44 7.97 33.06 4.10
C VAL A 44 6.86 33.66 4.97
N ASP A 45 7.25 34.30 6.08
CA ASP A 45 6.34 35.06 6.93
C ASP A 45 6.44 36.54 6.58
N LEU A 46 5.30 37.19 6.42
CA LEU A 46 5.25 38.54 5.87
C LEU A 46 5.25 39.67 6.92
N GLY A 47 5.30 39.30 8.19
CA GLY A 47 5.19 40.27 9.28
C GLY A 47 3.77 40.77 9.51
N GLY A 48 2.79 40.03 8.98
CA GLY A 48 1.39 40.40 9.11
C GLY A 48 0.59 39.98 7.90
N ILE A 49 -0.72 40.06 8.02
CA ILE A 49 -1.61 39.71 6.92
C ILE A 49 -1.62 40.85 5.92
N TYR A 50 -1.28 40.53 4.68
CA TYR A 50 -1.37 41.45 3.54
C TYR A 50 -2.35 40.88 2.51
N GLU A 51 -2.85 41.75 1.63
CA GLU A 51 -3.59 41.32 0.44
C GLU A 51 -2.65 41.34 -0.76
N LEU A 52 -2.15 40.16 -1.09
CA LEU A 52 -1.16 39.99 -2.14
C LEU A 52 -1.74 40.30 -3.50
N SER A 53 -0.95 41.00 -4.33
CA SER A 53 -1.31 41.32 -5.70
C SER A 53 -0.27 40.75 -6.67
N LYS A 54 0.94 40.53 -6.16
CA LYS A 54 2.07 40.08 -6.97
C LYS A 54 3.08 39.29 -6.14
N ILE A 55 3.69 38.29 -6.77
CA ILE A 55 4.85 37.59 -6.22
C ILE A 55 5.90 37.46 -7.33
N GLU A 56 7.12 37.90 -7.04
CA GLU A 56 8.22 37.85 -8.02
C GLU A 56 9.30 36.86 -7.60
N ILE A 57 9.67 35.98 -8.52
CA ILE A 57 10.63 34.91 -8.23
C ILE A 57 11.85 34.96 -9.15
N PHE A 58 13.04 34.96 -8.56
CA PHE A 58 14.28 34.81 -9.31
C PHE A 58 14.95 33.51 -8.90
N ASN A 59 15.58 32.86 -9.86
CA ASN A 59 16.38 31.68 -9.58
C ASN A 59 17.87 31.99 -9.76
N LYS A 60 18.74 31.08 -9.36
CA LYS A 60 20.19 31.31 -9.36
C LYS A 60 20.79 31.28 -10.77
N ASP A 61 20.09 30.66 -11.71
CA ASP A 61 20.59 30.48 -13.07
C ASP A 61 19.48 30.60 -14.12
N GLU A 62 19.67 29.96 -15.27
CA GLU A 62 18.75 30.09 -16.40
C GLU A 62 18.07 28.79 -16.77
N ALA A 63 18.12 27.81 -15.86
CA ALA A 63 17.42 26.54 -16.06
C ALA A 63 15.91 26.75 -16.10
N VAL A 64 15.18 25.72 -16.52
CA VAL A 64 13.71 25.73 -16.50
C VAL A 64 13.21 25.22 -15.15
N TYR A 65 12.48 26.08 -14.43
CA TYR A 65 11.96 25.77 -13.09
C TYR A 65 10.44 25.71 -13.06
N LYS A 66 9.91 24.80 -12.24
CA LYS A 66 8.47 24.71 -12.02
C LYS A 66 8.17 24.68 -10.52
N TYR A 67 7.21 25.49 -10.10
CA TYR A 67 6.90 25.65 -8.68
C TYR A 67 5.43 25.91 -8.45
N ASN A 68 4.98 25.66 -7.22
CA ASN A 68 3.62 25.98 -6.81
C ASN A 68 3.65 26.87 -5.60
N ILE A 69 2.79 27.88 -5.58
CA ILE A 69 2.76 28.87 -4.50
C ILE A 69 1.45 28.82 -3.72
N TYR A 70 1.56 28.85 -2.41
CA TYR A 70 0.46 28.69 -1.48
C TYR A 70 0.48 29.82 -0.44
N ALA A 71 -0.69 30.22 0.02
CA ALA A 71 -0.81 31.27 1.04
C ALA A 71 -1.63 30.79 2.23
N SER A 72 -1.41 31.38 3.40
CA SER A 72 -2.27 31.16 4.57
C SER A 72 -2.64 32.45 5.28
N GLU A 73 -3.92 32.59 5.64
CA GLU A 73 -4.37 33.74 6.43
C GLU A 73 -4.70 33.39 7.88
N ASP A 74 -4.91 32.10 8.16
CA ASP A 74 -5.23 31.64 9.51
C ASP A 74 -4.05 30.96 10.21
N GLY A 75 -2.99 30.69 9.45
CA GLY A 75 -1.81 30.06 9.99
C GLY A 75 -1.85 28.55 9.93
N GLU A 76 -3.01 28.02 9.54
CA GLU A 76 -3.20 26.58 9.43
C GLU A 76 -3.25 26.14 7.97
N ASN A 77 -4.16 26.74 7.21
CA ASN A 77 -4.49 26.26 5.88
C ASN A 77 -3.72 26.99 4.79
N PHE A 78 -2.91 26.25 4.04
CA PHE A 78 -2.13 26.82 2.95
C PHE A 78 -2.74 26.43 1.62
N ASN A 79 -3.25 27.42 0.90
CA ASN A 79 -3.98 27.18 -0.33
C ASN A 79 -3.24 27.72 -1.54
N LYS A 80 -3.38 27.04 -2.67
CA LYS A 80 -2.58 27.38 -3.85
C LYS A 80 -3.11 28.65 -4.47
N ILE A 81 -2.20 29.60 -4.71
CA ILE A 81 -2.59 30.93 -5.20
C ILE A 81 -1.98 31.26 -6.54
N ALA A 82 -0.89 30.56 -6.88
CA ALA A 82 -0.15 30.77 -8.13
C ALA A 82 0.79 29.59 -8.37
N TYR A 83 1.24 29.46 -9.62
CA TYR A 83 2.15 28.40 -10.01
C TYR A 83 2.80 28.64 -11.37
N LYS A 84 4.00 28.10 -11.56
CA LYS A 84 4.61 28.04 -12.88
C LYS A 84 4.77 26.59 -13.27
N ASN A 85 4.17 26.21 -14.39
CA ASN A 85 4.33 24.86 -14.94
C ASN A 85 4.70 24.86 -16.44
N ASN A 86 4.80 26.04 -17.04
CA ASN A 86 5.32 26.13 -18.40
C ASN A 86 6.82 25.85 -18.43
N ASP A 87 7.35 25.70 -19.64
CA ASP A 87 8.71 25.27 -19.85
C ASP A 87 9.70 26.39 -20.20
N ASN A 88 9.34 27.61 -19.80
CA ASN A 88 10.20 28.78 -20.03
C ASN A 88 11.41 28.77 -19.10
N VAL A 89 12.54 29.19 -19.65
CA VAL A 89 13.76 29.35 -18.86
C VAL A 89 13.63 30.56 -17.96
N SER A 90 14.23 30.49 -16.78
CA SER A 90 14.41 31.64 -15.91
C SER A 90 15.45 32.57 -16.53
N ASP A 91 15.30 33.86 -16.29
CA ASP A 91 16.29 34.84 -16.71
C ASP A 91 16.40 36.02 -15.73
N SER A 92 17.29 36.95 -16.05
CA SER A 92 17.61 38.09 -15.21
C SER A 92 16.41 38.96 -14.85
N ASN A 93 15.28 38.70 -15.50
CA ASN A 93 14.04 39.46 -15.28
C ASN A 93 13.13 38.90 -14.18
N GLY A 94 13.32 37.64 -13.81
CA GLY A 94 12.47 37.00 -12.81
C GLY A 94 11.09 36.64 -13.32
N ASN A 95 10.36 35.87 -12.53
CA ASN A 95 8.99 35.50 -12.90
C ASN A 95 8.00 36.29 -12.04
N MET A 96 7.10 37.02 -12.70
CA MET A 96 6.10 37.82 -11.99
C MET A 96 4.77 37.11 -12.06
N HIS A 97 4.18 36.88 -10.89
CA HIS A 97 2.90 36.18 -10.78
C HIS A 97 1.85 37.12 -10.20
N THR A 98 0.84 37.41 -11.01
CA THR A 98 -0.30 38.21 -10.58
C THR A 98 -1.16 37.40 -9.60
N ILE A 99 -1.50 38.03 -8.48
CA ILE A 99 -2.33 37.40 -7.45
C ILE A 99 -3.64 38.17 -7.40
N ASP A 100 -4.73 37.53 -7.02
CA ASP A 100 -5.96 38.26 -6.99
C ASP A 100 -6.33 38.79 -5.65
N ASN A 101 -5.43 39.57 -5.13
CA ASN A 101 -5.61 40.25 -3.85
C ASN A 101 -6.05 39.29 -2.76
N VAL A 102 -5.19 38.29 -2.54
CA VAL A 102 -5.47 37.23 -1.58
C VAL A 102 -4.84 37.58 -0.23
N ARG A 103 -5.63 37.45 0.83
CA ARG A 103 -5.12 37.59 2.20
C ARG A 103 -4.11 36.49 2.54
N ALA A 104 -2.91 36.92 2.91
CA ALA A 104 -1.85 36.01 3.32
C ALA A 104 -0.99 36.62 4.41
N GLY A 105 -0.77 35.86 5.48
CA GLY A 105 0.23 36.19 6.49
C GLY A 105 1.47 35.34 6.30
N LYS A 106 1.28 34.15 5.73
CA LYS A 106 2.38 33.29 5.31
C LYS A 106 2.23 32.84 3.86
N ILE A 107 3.36 32.51 3.25
CA ILE A 107 3.42 31.97 1.88
C ILE A 107 4.34 30.74 1.86
N ARG A 108 3.99 29.73 1.06
CA ARG A 108 4.88 28.60 0.77
C ARG A 108 5.20 28.53 -0.72
N ILE A 109 6.47 28.30 -1.02
CA ILE A 109 6.90 28.16 -2.42
C ILE A 109 7.60 26.81 -2.59
N ASP A 110 6.94 25.91 -3.31
CA ASP A 110 7.42 24.55 -3.49
C ASP A 110 7.96 24.40 -4.90
N VAL A 111 9.28 24.36 -5.01
CA VAL A 111 9.90 24.24 -6.31
C VAL A 111 10.02 22.76 -6.64
N VAL A 112 9.21 22.30 -7.59
CA VAL A 112 9.07 20.88 -7.85
C VAL A 112 10.01 20.37 -8.96
N GLN A 113 10.46 21.26 -9.82
CA GLN A 113 11.42 20.88 -10.88
C GLN A 113 12.53 21.91 -11.09
N ASN A 114 13.75 21.40 -11.30
CA ASN A 114 14.87 22.17 -11.82
C ASN A 114 15.45 21.38 -12.99
N SER A 115 15.26 21.85 -14.22
CA SER A 115 15.67 21.08 -15.39
C SER A 115 17.17 20.77 -15.42
N ASN A 116 17.92 21.43 -14.56
CA ASN A 116 19.38 21.34 -14.56
C ASN A 116 19.97 20.49 -13.44
N SER A 117 19.24 20.35 -12.33
CA SER A 117 19.71 19.64 -11.14
C SER A 117 18.57 18.95 -10.39
N ASP A 118 18.93 18.04 -9.50
CA ASP A 118 17.98 17.50 -8.53
C ASP A 118 17.64 18.53 -7.46
N ARG A 119 18.60 19.38 -7.14
CA ARG A 119 18.38 20.46 -6.18
C ARG A 119 17.54 21.58 -6.81
N VAL A 120 16.77 22.27 -5.97
CA VAL A 120 16.08 23.49 -6.38
C VAL A 120 16.62 24.70 -5.63
N ASN A 121 16.37 25.88 -6.17
CA ASN A 121 16.86 27.11 -5.59
C ASN A 121 15.94 28.30 -5.83
N ILE A 122 15.97 29.25 -4.90
CA ILE A 122 15.38 30.56 -5.10
C ILE A 122 16.42 31.61 -4.73
N ALA A 123 16.82 32.43 -5.71
CA ALA A 123 17.79 33.50 -5.46
C ALA A 123 17.14 34.68 -4.74
N GLU A 124 15.96 35.08 -5.20
CA GLU A 124 15.17 36.11 -4.52
C GLU A 124 13.69 35.87 -4.73
N ILE A 125 12.90 36.25 -3.74
CA ILE A 125 11.45 36.35 -3.88
C ILE A 125 10.95 37.66 -3.25
N ASN A 126 10.31 38.47 -4.08
CA ASN A 126 9.64 39.68 -3.61
C ASN A 126 8.14 39.45 -3.58
N VAL A 127 7.52 39.97 -2.54
CA VAL A 127 6.08 39.88 -2.39
C VAL A 127 5.50 41.31 -2.41
N PHE A 128 4.39 41.48 -3.13
CA PHE A 128 3.76 42.78 -3.29
C PHE A 128 2.30 42.72 -2.85
N GLY A 129 1.91 43.64 -1.98
CA GLY A 129 0.77 43.42 -1.11
C GLY A 129 0.26 44.71 -0.48
N LYS A 130 -1.00 44.71 -0.07
CA LYS A 130 -1.54 45.79 0.75
C LYS A 130 -1.74 45.34 2.19
N ASN A 131 -1.19 46.10 3.12
CA ASN A 131 -1.28 45.75 4.54
C ASN A 131 -2.70 45.92 5.07
N THR A 132 -3.20 44.89 5.76
CA THR A 132 -4.53 44.91 6.33
C THR A 132 -4.48 45.40 7.78
N GLY A 133 -3.26 45.54 8.30
CA GLY A 133 -3.06 45.87 9.71
C GLY A 133 -3.49 44.76 10.65
N GLU A 134 -3.60 43.54 10.13
CA GLU A 134 -3.95 42.37 10.94
C GLU A 134 -2.75 41.44 11.07
N SER A 135 -2.80 40.57 12.07
CA SER A 135 -1.77 39.57 12.28
C SER A 135 -2.37 38.17 12.21
N LEU A 136 -1.52 37.18 11.91
CA LEU A 136 -1.91 35.76 11.94
C LEU A 136 -2.37 35.34 13.32
N PRO A 137 -3.39 34.47 13.40
CA PRO A 137 -3.80 33.89 14.68
C PRO A 137 -2.68 33.03 15.26
N GLU A 138 -2.72 32.78 16.57
CA GLU A 138 -1.86 31.77 17.14
C GLU A 138 -2.39 30.41 16.69
N VAL A 139 -1.50 29.59 16.13
CA VAL A 139 -1.86 28.24 15.68
C VAL A 139 -1.96 27.33 16.89
N LYS A 140 -3.06 26.58 16.98
CA LYS A 140 -3.29 25.69 18.11
C LYS A 140 -2.42 24.44 17.99
N LYS A 141 -1.88 24.01 19.12
CA LYS A 141 -1.03 22.83 19.17
C LYS A 141 -1.86 21.56 19.06
N ILE A 142 -1.25 20.50 18.53
CA ILE A 142 -1.89 19.20 18.41
C ILE A 142 -2.36 18.71 19.78
N ALA A 143 -3.64 18.42 19.88
CA ALA A 143 -4.25 17.93 21.11
C ALA A 143 -5.11 16.74 20.75
N THR A 144 -4.78 15.59 21.31
CA THR A 144 -5.59 14.39 21.12
C THR A 144 -6.24 13.92 22.41
N SER A 145 -7.23 13.05 22.27
CA SER A 145 -7.91 12.45 23.40
C SER A 145 -7.17 11.24 23.95
N ASN A 146 -7.27 11.08 25.26
CA ASN A 146 -6.86 9.85 25.92
C ASN A 146 -7.98 8.84 25.84
N PHE A 147 -7.64 7.58 25.59
CA PHE A 147 -8.63 6.53 25.40
C PHE A 147 -9.67 6.50 26.55
N SER A 148 -9.18 6.46 27.78
CA SER A 148 -10.03 6.35 28.96
C SER A 148 -11.07 7.47 29.09
N GLU A 149 -10.82 8.60 28.41
CA GLU A 149 -11.72 9.76 28.43
C GLU A 149 -12.79 9.72 27.35
N THR A 150 -12.75 8.69 26.50
CA THR A 150 -13.59 8.66 25.32
C THR A 150 -14.77 7.68 25.44
N PRO A 151 -15.85 7.93 24.66
CA PRO A 151 -16.96 6.98 24.57
C PRO A 151 -16.52 5.58 24.13
N TRP A 152 -15.32 5.48 23.57
CA TRP A 152 -14.77 4.22 23.06
C TRP A 152 -14.37 3.29 24.19
N ALA A 153 -13.78 3.87 25.24
CA ALA A 153 -13.35 3.13 26.42
C ALA A 153 -14.53 2.52 27.16
N THR A 154 -15.55 3.35 27.40
CA THR A 154 -16.78 2.89 28.05
C THR A 154 -17.32 1.65 27.30
N GLU A 155 -17.51 1.79 25.99
CA GLU A 155 -17.98 0.70 25.13
C GLU A 155 -17.09 -0.55 25.22
N TYR A 156 -15.77 -0.33 25.18
CA TYR A 156 -14.83 -1.43 25.17
C TYR A 156 -14.90 -2.26 26.43
N GLU A 157 -15.02 -1.59 27.57
CA GLU A 157 -15.03 -2.28 28.85
C GLU A 157 -16.41 -2.85 29.18
N LYS A 158 -17.44 -2.25 28.60
CA LYS A 158 -18.81 -2.74 28.74
C LYS A 158 -18.91 -4.08 28.04
N PHE A 159 -18.49 -4.13 26.78
CA PHE A 159 -18.43 -5.35 26.01
C PHE A 159 -17.57 -6.38 26.75
N ASN A 160 -16.44 -5.91 27.28
CA ASN A 160 -15.47 -6.77 27.94
C ASN A 160 -16.02 -7.47 29.18
N SER A 161 -16.74 -6.71 30.00
CA SER A 161 -17.17 -7.17 31.32
C SER A 161 -18.60 -7.74 31.37
N ASP A 162 -19.38 -7.52 30.31
CA ASP A 162 -20.81 -7.87 30.28
C ASP A 162 -21.09 -8.86 29.15
N SER A 163 -21.22 -10.14 29.51
CA SER A 163 -21.43 -11.21 28.55
C SER A 163 -22.64 -10.98 27.65
N ALA A 164 -23.79 -10.73 28.26
CA ALA A 164 -25.05 -10.57 27.56
C ALA A 164 -25.00 -9.41 26.59
N TYR A 165 -24.37 -8.31 27.02
CA TYR A 165 -24.21 -7.13 26.19
C TYR A 165 -23.24 -7.35 25.04
N ALA A 166 -22.16 -8.07 25.33
CA ALA A 166 -21.16 -8.42 24.32
C ALA A 166 -21.78 -9.34 23.27
N ASN A 167 -22.50 -10.36 23.73
CA ASN A 167 -23.20 -11.29 22.85
C ASN A 167 -24.21 -10.59 21.97
N GLU A 168 -24.96 -9.67 22.57
CA GLU A 168 -25.95 -8.89 21.84
C GLU A 168 -25.28 -8.01 20.77
N LYS A 169 -24.21 -7.33 21.16
CA LYS A 169 -23.39 -6.52 20.27
C LYS A 169 -22.91 -7.36 19.09
N THR A 170 -22.28 -8.49 19.39
CA THR A 170 -21.74 -9.39 18.37
C THR A 170 -22.80 -9.88 17.39
N LEU A 171 -23.94 -10.30 17.92
CA LEU A 171 -24.99 -10.88 17.10
C LEU A 171 -25.67 -9.83 16.21
N ASN A 172 -25.84 -8.63 16.74
CA ASN A 172 -26.41 -7.51 16.01
C ASN A 172 -25.45 -6.98 14.93
N GLU A 173 -24.15 -7.11 15.19
CA GLU A 173 -23.11 -6.73 14.24
C GLU A 173 -23.04 -7.67 13.05
N ILE A 174 -23.10 -8.97 13.32
CA ILE A 174 -23.16 -9.96 12.25
C ILE A 174 -24.41 -9.76 11.40
N LYS A 175 -25.50 -9.36 12.04
CA LYS A 175 -26.72 -9.00 11.31
C LYS A 175 -26.49 -7.80 10.41
N ASN A 176 -25.87 -6.77 10.92
CA ASN A 176 -25.44 -5.63 10.12
C ASN A 176 -24.52 -6.00 8.97
N LEU A 177 -23.67 -6.98 9.17
CA LEU A 177 -22.74 -7.46 8.15
C LEU A 177 -23.55 -8.07 7.00
N VAL A 178 -24.56 -8.87 7.34
CA VAL A 178 -25.44 -9.50 6.35
C VAL A 178 -26.06 -8.44 5.44
N GLY A 179 -26.65 -7.41 6.06
CA GLY A 179 -27.26 -6.30 5.35
C GLY A 179 -26.29 -5.53 4.46
N ARG A 180 -25.07 -5.32 4.94
CA ARG A 180 -24.04 -4.65 4.13
C ARG A 180 -23.61 -5.49 2.92
N VAL A 181 -23.48 -6.80 3.12
CA VAL A 181 -22.92 -7.69 2.10
C VAL A 181 -23.94 -8.08 1.01
N ILE A 182 -25.10 -8.61 1.39
CA ILE A 182 -26.11 -9.06 0.41
C ILE A 182 -27.36 -8.17 0.30
N GLY A 183 -27.57 -7.30 1.30
CA GLY A 183 -28.70 -6.39 1.27
C GLY A 183 -29.55 -6.48 2.52
N ARG A 184 -30.06 -5.34 2.94
CA ARG A 184 -30.85 -5.21 4.15
C ARG A 184 -32.04 -6.17 4.22
N GLU A 185 -32.65 -6.39 3.09
CA GLU A 185 -33.85 -7.23 2.97
C GLU A 185 -33.63 -8.71 3.32
N PHE A 186 -32.37 -9.11 3.45
CA PHE A 186 -32.02 -10.49 3.76
C PHE A 186 -31.62 -10.70 5.24
N LYS A 187 -31.50 -9.61 5.98
CA LYS A 187 -31.10 -9.67 7.38
C LYS A 187 -31.97 -10.64 8.16
N ASP A 188 -33.29 -10.49 8.05
CA ASP A 188 -34.22 -11.21 8.91
C ASP A 188 -34.39 -12.65 8.43
N LYS A 189 -33.54 -13.08 7.51
CA LYS A 189 -33.60 -14.43 6.98
C LYS A 189 -32.66 -15.36 7.74
N PHE A 190 -31.94 -14.81 8.71
CA PHE A 190 -30.93 -15.55 9.43
C PHE A 190 -31.13 -15.42 10.93
N ILE A 191 -30.88 -16.50 11.65
CA ILE A 191 -30.81 -16.47 13.10
C ILE A 191 -29.38 -16.83 13.51
N PHE A 192 -28.77 -15.97 14.33
CA PHE A 192 -27.39 -16.17 14.78
C PHE A 192 -27.31 -16.51 16.26
N GLU A 193 -26.45 -17.47 16.59
CA GLU A 193 -26.31 -18.00 17.95
C GLU A 193 -24.85 -18.19 18.32
N ILE A 194 -24.50 -17.81 19.54
CA ILE A 194 -23.17 -18.09 20.07
C ILE A 194 -23.21 -19.52 20.61
N ARG A 195 -22.22 -20.32 20.23
CA ARG A 195 -22.00 -21.63 20.85
C ARG A 195 -20.57 -21.72 21.37
N ASP A 196 -20.21 -22.89 21.90
CA ASP A 196 -18.86 -23.12 22.40
C ASP A 196 -17.92 -23.55 21.29
N GLN A 197 -16.63 -23.59 21.59
CA GLN A 197 -15.64 -24.16 20.68
C GLN A 197 -15.86 -25.65 20.49
N LEU A 198 -15.33 -26.19 19.40
CA LEU A 198 -15.38 -27.63 19.15
C LEU A 198 -14.05 -28.30 19.52
N ASN A 199 -14.00 -28.89 20.70
CA ASN A 199 -12.75 -29.43 21.23
C ASN A 199 -11.60 -28.40 21.28
N GLY A 200 -11.94 -27.17 21.67
CA GLY A 200 -10.97 -26.07 21.68
C GLY A 200 -10.69 -25.43 20.32
N ASN A 201 -11.45 -25.81 19.30
CA ASN A 201 -11.32 -25.24 17.95
C ASN A 201 -12.46 -24.31 17.62
N ASP A 202 -12.15 -23.27 16.84
CA ASP A 202 -13.18 -22.40 16.29
C ASP A 202 -14.06 -23.24 15.37
N VAL A 203 -15.34 -22.88 15.30
CA VAL A 203 -16.36 -23.75 14.73
C VAL A 203 -17.63 -22.96 14.35
N PHE A 204 -18.24 -23.36 13.23
CA PHE A 204 -19.57 -22.87 12.88
C PHE A 204 -20.52 -24.00 12.48
N GLU A 205 -21.80 -23.66 12.39
CA GLU A 205 -22.86 -24.60 12.05
C GLU A 205 -23.88 -23.91 11.16
N VAL A 206 -24.38 -24.65 10.17
CA VAL A 206 -25.44 -24.16 9.29
C VAL A 206 -26.58 -25.19 9.21
N SER A 207 -27.80 -24.75 9.53
CA SER A 207 -28.95 -25.63 9.55
C SER A 207 -30.23 -24.84 9.32
N ASP A 208 -31.32 -25.56 9.06
CA ASP A 208 -32.63 -24.95 8.92
C ASP A 208 -33.19 -24.59 10.31
N SER A 209 -33.95 -23.49 10.38
CA SER A 209 -34.59 -23.09 11.63
C SER A 209 -35.91 -23.83 11.87
N GLY A 210 -36.53 -24.29 10.79
CA GLY A 210 -37.83 -24.96 10.86
C GLY A 210 -38.95 -24.16 10.22
N ASP A 211 -38.76 -22.84 10.08
CA ASP A 211 -39.76 -21.97 9.47
C ASP A 211 -39.25 -21.23 8.24
N GLY A 212 -38.19 -21.76 7.62
CA GLY A 212 -37.71 -21.24 6.35
C GLY A 212 -36.52 -20.30 6.48
N LYS A 213 -35.99 -20.19 7.69
CA LYS A 213 -34.84 -19.33 7.95
C LYS A 213 -33.55 -20.13 8.08
N VAL A 214 -32.42 -19.45 7.99
CA VAL A 214 -31.12 -20.11 8.09
C VAL A 214 -30.54 -19.83 9.47
N LEU A 215 -30.31 -20.91 10.21
CA LEU A 215 -29.76 -20.81 11.55
C LEU A 215 -28.26 -21.06 11.53
N ILE A 216 -27.51 -20.02 11.90
CA ILE A 216 -26.06 -20.08 11.89
C ILE A 216 -25.54 -19.94 13.30
N LYS A 217 -24.67 -20.87 13.69
CA LYS A 217 -24.00 -20.85 14.99
C LYS A 217 -22.49 -20.65 14.80
N GLY A 218 -21.83 -20.19 15.86
CA GLY A 218 -20.38 -20.04 15.86
C GLY A 218 -19.91 -19.57 17.23
N ASN A 219 -18.68 -19.93 17.60
CA ASN A 219 -18.15 -19.54 18.91
C ASN A 219 -17.90 -18.03 19.05
N ASN A 220 -17.73 -17.34 17.94
CA ASN A 220 -17.54 -15.89 17.95
C ASN A 220 -18.01 -15.25 16.65
N GLY A 221 -17.76 -13.96 16.53
CA GLY A 221 -18.16 -13.19 15.35
C GLY A 221 -17.62 -13.72 14.05
N VAL A 222 -16.30 -13.98 13.99
CA VAL A 222 -15.68 -14.52 12.77
C VAL A 222 -16.18 -15.92 12.38
N SER A 223 -16.46 -16.76 13.37
CA SER A 223 -17.08 -18.06 13.09
C SER A 223 -18.48 -17.90 12.52
N LEU A 224 -19.24 -16.93 13.06
CA LEU A 224 -20.60 -16.63 12.61
C LEU A 224 -20.62 -16.13 11.18
N ALA A 225 -19.69 -15.21 10.89
CA ALA A 225 -19.49 -14.66 9.56
C ALA A 225 -18.96 -15.68 8.55
N SER A 226 -18.14 -16.61 9.04
CA SER A 226 -17.65 -17.74 8.23
C SER A 226 -18.77 -18.72 7.91
N GLY A 227 -19.70 -18.86 8.84
CA GLY A 227 -20.88 -19.71 8.65
C GLY A 227 -21.84 -19.10 7.67
N PHE A 228 -21.97 -17.78 7.74
CA PHE A 228 -22.77 -16.98 6.81
C PHE A 228 -22.19 -17.04 5.38
N ASN A 229 -20.86 -17.05 5.27
CA ASN A 229 -20.19 -17.15 3.98
C ASN A 229 -20.24 -18.58 3.44
N TYR A 230 -20.17 -19.57 4.33
CA TYR A 230 -20.32 -20.97 3.94
C TYR A 230 -21.67 -21.18 3.24
N TYR A 231 -22.72 -20.60 3.82
CA TYR A 231 -24.06 -20.78 3.31
C TYR A 231 -24.26 -20.16 1.93
N LEU A 232 -23.76 -18.95 1.74
CA LEU A 232 -23.83 -18.25 0.45
C LEU A 232 -23.10 -19.04 -0.63
N LYS A 233 -21.90 -19.52 -0.29
CA LYS A 233 -21.06 -20.25 -1.25
C LYS A 233 -21.66 -21.59 -1.67
N ASN A 234 -22.15 -22.35 -0.70
CA ASN A 234 -22.56 -23.73 -0.92
C ASN A 234 -24.06 -23.89 -1.18
N TYR A 235 -24.85 -22.87 -0.88
CA TYR A 235 -26.30 -22.99 -1.10
C TYR A 235 -26.87 -21.92 -2.03
N CYS A 236 -26.21 -20.78 -2.11
CA CYS A 236 -26.73 -19.63 -2.86
C CYS A 236 -26.02 -19.31 -4.17
N ASN A 237 -24.89 -19.99 -4.42
CA ASN A 237 -24.07 -19.71 -5.60
C ASN A 237 -23.57 -18.27 -5.62
N VAL A 238 -23.37 -17.73 -4.41
CA VAL A 238 -22.96 -16.35 -4.22
C VAL A 238 -21.51 -16.30 -3.73
N SER A 239 -20.78 -15.24 -4.12
CA SER A 239 -19.38 -15.09 -3.80
C SER A 239 -19.07 -13.61 -3.51
N TYR A 240 -18.45 -13.35 -2.36
CA TYR A 240 -18.15 -11.99 -1.92
C TYR A 240 -16.65 -11.68 -1.89
N ASN A 241 -16.27 -10.68 -2.70
CA ASN A 241 -14.94 -10.12 -2.66
C ASN A 241 -15.08 -8.63 -3.01
N PRO A 242 -15.17 -7.78 -1.98
CA PRO A 242 -15.44 -6.34 -2.15
C PRO A 242 -14.36 -5.58 -2.94
N ILE A 243 -13.17 -6.18 -3.04
CA ILE A 243 -12.03 -5.57 -3.70
C ILE A 243 -11.86 -6.19 -5.10
N MET A 244 -11.99 -7.51 -5.20
CA MET A 244 -11.67 -8.19 -6.46
C MET A 244 -12.85 -8.90 -7.14
N GLY A 245 -14.05 -8.35 -6.95
CA GLY A 245 -15.23 -8.84 -7.68
C GLY A 245 -16.12 -9.82 -6.96
N SER A 246 -17.41 -9.52 -6.97
CA SER A 246 -18.43 -10.32 -6.29
C SER A 246 -19.51 -10.84 -7.25
N ASN A 247 -20.27 -11.81 -6.75
CA ASN A 247 -21.59 -12.16 -7.26
C ASN A 247 -22.49 -12.26 -6.05
N LEU A 248 -23.40 -11.32 -5.91
CA LEU A 248 -24.22 -11.21 -4.71
C LEU A 248 -25.70 -11.40 -5.01
N LYS A 249 -25.98 -11.93 -6.20
CA LYS A 249 -27.34 -12.22 -6.64
C LYS A 249 -27.94 -13.41 -5.88
N MET A 250 -28.82 -13.09 -4.94
CA MET A 250 -29.48 -14.08 -4.09
C MET A 250 -30.62 -14.77 -4.83
N PRO A 251 -30.84 -16.08 -4.56
CA PRO A 251 -32.02 -16.75 -5.11
C PRO A 251 -33.30 -16.05 -4.63
N GLU A 252 -34.36 -16.19 -5.39
CA GLU A 252 -35.58 -15.47 -5.20
C GLU A 252 -36.19 -15.81 -3.84
N THR A 253 -35.89 -17.01 -3.37
CA THR A 253 -36.34 -17.51 -2.10
C THR A 253 -35.17 -18.24 -1.45
N MET A 254 -35.06 -18.17 -0.14
CA MET A 254 -33.89 -18.71 0.54
C MET A 254 -33.81 -20.22 0.45
N PRO A 255 -32.77 -20.74 -0.16
CA PRO A 255 -32.63 -22.20 -0.31
C PRO A 255 -32.26 -22.94 0.99
N SER A 256 -32.89 -24.08 1.19
CA SER A 256 -32.69 -24.92 2.38
C SER A 256 -31.29 -25.50 2.48
N VAL A 257 -30.85 -25.70 3.72
CA VAL A 257 -29.56 -26.29 4.02
C VAL A 257 -29.64 -27.82 3.94
N GLY A 258 -30.79 -28.37 4.34
CA GLY A 258 -30.97 -29.82 4.45
C GLY A 258 -30.23 -30.35 5.66
N GLU A 259 -29.33 -31.30 5.44
CA GLU A 259 -28.53 -31.86 6.52
C GLU A 259 -27.63 -30.79 7.17
N ARG A 260 -27.67 -30.71 8.50
CA ARG A 260 -26.88 -29.72 9.23
C ARG A 260 -25.38 -29.95 9.09
N VAL A 261 -24.64 -28.86 8.87
CA VAL A 261 -23.18 -28.94 8.89
C VAL A 261 -22.62 -28.37 10.17
N VAL A 262 -21.54 -28.98 10.64
CA VAL A 262 -20.69 -28.42 11.68
C VAL A 262 -19.28 -28.45 11.09
N ILE A 263 -18.70 -27.27 10.93
CA ILE A 263 -17.35 -27.13 10.40
C ILE A 263 -16.44 -26.47 11.43
N ASP A 264 -15.35 -27.14 11.78
CA ASP A 264 -14.35 -26.55 12.68
C ASP A 264 -13.04 -26.22 11.95
N THR A 265 -12.14 -25.53 12.63
CA THR A 265 -10.82 -25.26 12.06
C THR A 265 -9.74 -25.57 13.09
N PRO A 266 -8.73 -26.37 12.69
CA PRO A 266 -7.63 -26.70 13.58
C PRO A 266 -6.69 -25.52 13.90
N TYR A 267 -6.82 -24.40 13.22
CA TYR A 267 -5.87 -23.30 13.37
C TYR A 267 -6.35 -22.25 14.37
N GLU A 268 -5.52 -21.97 15.37
CA GLU A 268 -5.86 -20.95 16.34
C GLU A 268 -5.93 -19.57 15.67
N HIS A 269 -5.05 -19.32 14.71
CA HIS A 269 -4.99 -18.02 14.04
C HIS A 269 -5.18 -18.15 12.54
N ARG A 270 -5.87 -17.16 11.98
CA ARG A 270 -5.83 -16.89 10.57
C ARG A 270 -5.42 -15.44 10.40
N TYR A 271 -4.24 -15.24 9.83
CA TYR A 271 -3.59 -13.93 9.82
C TYR A 271 -3.75 -13.19 8.48
N ALA A 272 -3.86 -11.87 8.56
CA ALA A 272 -3.85 -11.07 7.35
C ALA A 272 -2.95 -9.86 7.47
N LEU A 273 -2.17 -9.61 6.42
CA LEU A 273 -1.55 -8.30 6.12
C LEU A 273 -0.04 -8.21 6.31
N ASN A 274 0.62 -7.74 5.25
CA ASN A 274 2.02 -7.32 5.29
C ASN A 274 2.01 -5.89 5.83
N PHE A 275 3.16 -5.41 6.31
CA PHE A 275 3.30 -3.97 6.56
C PHE A 275 3.10 -3.20 5.27
N CYS A 276 3.61 -3.75 4.16
CA CYS A 276 3.49 -3.11 2.84
C CYS A 276 2.05 -2.91 2.37
N THR A 277 1.11 -3.72 2.87
CA THR A 277 -0.30 -3.62 2.46
C THR A 277 -0.89 -2.26 2.83
N TYR A 278 -0.46 -1.75 3.99
CA TYR A 278 -0.88 -0.45 4.48
C TYR A 278 -0.47 0.70 3.57
N SER A 279 0.49 0.44 2.69
CA SER A 279 1.00 1.42 1.76
C SER A 279 0.52 1.21 0.33
N TYR A 280 0.87 0.07 -0.27
CA TYR A 280 0.46 -0.23 -1.65
C TYR A 280 -1.06 -0.29 -1.88
N THR A 281 -1.83 -0.70 -0.87
CA THR A 281 -3.30 -0.81 -1.01
C THR A 281 -4.07 0.21 -0.16
N MET A 282 -3.77 0.26 1.14
CA MET A 282 -4.64 0.90 2.14
C MET A 282 -4.25 2.34 2.50
N SER A 283 -3.21 2.87 1.84
CA SER A 283 -2.73 4.23 2.16
C SER A 283 -3.89 5.20 2.39
N PHE A 284 -4.81 5.25 1.42
CA PHE A 284 -5.86 6.25 1.38
C PHE A 284 -7.28 5.71 1.57
N TRP A 285 -7.40 4.58 2.27
CA TRP A 285 -8.69 4.00 2.63
C TRP A 285 -9.42 4.91 3.62
N ASP A 286 -10.74 5.02 3.47
CA ASP A 286 -11.59 5.60 4.52
C ASP A 286 -12.23 4.47 5.33
N TRP A 287 -13.07 4.82 6.31
CA TRP A 287 -13.74 3.81 7.13
C TRP A 287 -14.61 2.87 6.29
N ASP A 288 -15.31 3.43 5.30
CA ASP A 288 -16.15 2.63 4.39
C ASP A 288 -15.39 1.43 3.84
N GLN A 289 -14.19 1.68 3.28
CA GLN A 289 -13.31 0.64 2.77
C GLN A 289 -12.80 -0.31 3.84
N TYR A 290 -12.42 0.21 5.02
CA TYR A 290 -11.96 -0.63 6.14
C TYR A 290 -13.03 -1.58 6.69
N GLU A 291 -14.25 -1.04 6.86
CA GLU A 291 -15.39 -1.81 7.36
C GLU A 291 -15.72 -2.97 6.43
N GLU A 292 -15.68 -2.66 5.15
CA GLU A 292 -15.92 -3.59 4.09
C GLU A 292 -14.85 -4.69 4.06
N PHE A 293 -13.61 -4.30 4.32
CA PHE A 293 -12.50 -5.26 4.45
C PHE A 293 -12.65 -6.21 5.64
N LEU A 294 -13.07 -5.70 6.80
CA LEU A 294 -13.22 -6.54 8.00
C LEU A 294 -14.37 -7.52 7.86
N ASP A 295 -15.42 -7.11 7.12
CA ASP A 295 -16.52 -8.01 6.77
C ASP A 295 -16.01 -9.19 5.95
N TRP A 296 -15.22 -8.90 4.92
CA TRP A 296 -14.59 -9.93 4.09
C TRP A 296 -13.63 -10.81 4.90
N CYS A 297 -12.85 -10.20 5.78
CA CYS A 297 -11.99 -10.92 6.74
C CYS A 297 -12.76 -11.91 7.61
N ALA A 298 -13.71 -11.41 8.39
CA ALA A 298 -14.56 -12.26 9.23
C ALA A 298 -15.19 -13.41 8.45
N MET A 299 -15.70 -13.12 7.25
CA MET A 299 -16.31 -14.13 6.38
C MET A 299 -15.33 -15.20 5.86
N ASN A 300 -14.04 -14.87 5.82
CA ASN A 300 -13.02 -15.84 5.37
C ASN A 300 -12.26 -16.49 6.51
N GLY A 301 -12.64 -16.17 7.73
CA GLY A 301 -12.14 -16.87 8.90
C GLY A 301 -11.01 -16.15 9.60
N VAL A 302 -10.75 -14.90 9.20
CA VAL A 302 -9.60 -14.14 9.69
C VAL A 302 -9.84 -13.65 11.12
N ASN A 303 -8.89 -13.93 12.01
CA ASN A 303 -9.02 -13.55 13.41
C ASN A 303 -7.75 -12.92 13.96
N LEU A 304 -6.86 -12.50 13.06
CA LEU A 304 -5.59 -11.89 13.43
C LEU A 304 -5.08 -11.01 12.29
N VAL A 305 -5.10 -9.70 12.52
CA VAL A 305 -4.89 -8.72 11.47
C VAL A 305 -3.85 -7.73 11.96
N LEU A 306 -2.88 -7.39 11.11
CA LEU A 306 -1.88 -6.38 11.47
C LEU A 306 -2.50 -4.99 11.42
N ASP A 307 -2.17 -4.17 12.42
CA ASP A 307 -2.81 -2.89 12.63
C ASP A 307 -1.82 -1.78 13.01
N ILE A 308 -1.65 -0.80 12.11
CA ILE A 308 -0.77 0.34 12.39
C ILE A 308 -1.48 1.69 12.32
N ILE A 309 -2.81 1.66 12.16
CA ILE A 309 -3.60 2.89 12.11
C ILE A 309 -3.38 3.70 13.38
N GLY A 310 -3.03 4.97 13.21
CA GLY A 310 -2.89 5.92 14.33
C GLY A 310 -1.62 5.81 15.15
N GLN A 311 -0.69 4.96 14.73
CA GLN A 311 0.60 4.77 15.42
C GLN A 311 1.49 6.02 15.39
N GLU A 312 1.14 6.97 14.51
CA GLU A 312 1.83 8.26 14.42
C GLU A 312 1.62 9.02 15.70
N GLU A 313 0.42 8.91 16.25
CA GLU A 313 0.06 9.58 17.49
C GLU A 313 0.76 8.96 18.71
N VAL A 314 0.89 7.64 18.71
CA VAL A 314 1.58 6.92 19.76
C VAL A 314 3.04 7.37 19.82
N LEU A 315 3.66 7.42 18.65
CA LEU A 315 5.06 7.83 18.54
C LEU A 315 5.27 9.32 18.85
N ARG A 316 4.33 10.17 18.44
CA ARG A 316 4.42 11.59 18.78
C ARG A 316 4.49 11.79 20.29
N ARG A 317 3.61 11.11 21.01
CA ARG A 317 3.57 11.15 22.46
C ARG A 317 4.85 10.61 23.09
N THR A 318 5.40 9.56 22.48
CA THR A 318 6.65 8.93 22.93
C THR A 318 7.81 9.89 22.75
N LEU A 319 7.91 10.48 21.57
CA LEU A 319 9.04 11.33 21.24
C LEU A 319 9.01 12.67 21.94
N ASN A 320 7.80 13.17 22.22
CA ASN A 320 7.59 14.39 23.01
C ASN A 320 8.21 14.35 24.42
N GLU A 321 8.46 13.13 24.90
CA GLU A 321 9.05 12.87 26.19
C GLU A 321 10.55 12.85 26.11
N PHE A 322 11.10 12.87 24.90
CA PHE A 322 12.53 12.70 24.71
C PHE A 322 13.15 13.80 23.85
N GLY A 323 12.55 15.00 23.96
CA GLY A 323 13.13 16.23 23.45
C GLY A 323 12.61 16.68 22.10
N TYR A 324 11.59 16.03 21.58
CA TYR A 324 11.10 16.32 20.23
C TYR A 324 9.83 17.18 20.23
N SER A 325 9.85 18.29 19.51
CA SER A 325 8.63 19.07 19.29
C SER A 325 7.72 18.30 18.33
N ASP A 326 6.51 18.78 18.09
CA ASP A 326 5.60 18.14 17.12
C ASP A 326 6.07 18.32 15.69
N GLU A 327 6.67 19.47 15.39
CA GLU A 327 7.25 19.68 14.07
C GLU A 327 8.36 18.67 13.75
N GLU A 328 9.20 18.39 14.75
CA GLU A 328 10.30 17.45 14.57
C GLU A 328 9.83 16.01 14.43
N VAL A 329 8.77 15.66 15.16
CA VAL A 329 8.10 14.36 15.00
C VAL A 329 7.55 14.21 13.57
N LYS A 330 6.89 15.26 13.07
CA LYS A 330 6.35 15.30 11.71
C LYS A 330 7.42 15.18 10.62
N GLU A 331 8.60 15.78 10.86
CA GLU A 331 9.74 15.60 9.97
C GLU A 331 10.32 14.18 10.03
N PHE A 332 10.26 13.55 11.20
CA PHE A 332 10.68 12.15 11.36
C PHE A 332 9.76 11.18 10.60
N ILE A 333 8.47 11.24 10.92
CA ILE A 333 7.44 10.40 10.29
C ILE A 333 7.32 10.69 8.79
N SER A 334 7.16 9.63 8.00
CA SER A 334 6.98 9.74 6.55
C SER A 334 5.60 10.30 6.17
N GLY A 335 5.33 10.38 4.87
CA GLY A 335 3.99 10.73 4.36
C GLY A 335 3.09 9.51 4.43
N PRO A 336 1.82 9.65 3.99
CA PRO A 336 0.80 8.60 4.21
C PRO A 336 0.95 7.37 3.32
N ALA A 337 1.76 7.48 2.26
CA ALA A 337 2.01 6.35 1.35
C ALA A 337 3.23 5.49 1.75
N TYR A 338 3.85 5.79 2.89
CA TYR A 338 5.15 5.18 3.22
C TYR A 338 5.30 4.45 4.57
N PHE A 339 4.21 4.33 5.32
CA PHE A 339 4.25 3.82 6.72
C PHE A 339 4.76 2.39 6.85
N ALA A 340 4.61 1.59 5.81
CA ALA A 340 5.16 0.23 5.82
C ALA A 340 6.65 0.30 6.12
N TRP A 341 7.35 1.16 5.38
CA TRP A 341 8.81 1.23 5.47
C TRP A 341 9.29 2.12 6.59
N PHE A 342 8.41 2.97 7.10
CA PHE A 342 8.67 3.74 8.33
C PHE A 342 8.55 2.87 9.57
N TYR A 343 7.47 2.10 9.70
CA TYR A 343 7.35 1.15 10.84
C TYR A 343 8.26 -0.08 10.76
N MET A 344 8.80 -0.37 9.57
CA MET A 344 9.81 -1.43 9.42
C MET A 344 11.24 -0.93 9.56
N GLN A 345 11.40 0.32 9.98
CA GLN A 345 12.71 0.94 10.32
C GLN A 345 13.64 1.09 9.11
N ASN A 346 13.04 1.31 7.95
CA ASN A 346 13.77 1.40 6.68
C ASN A 346 13.99 2.82 6.16
N MET A 347 13.06 3.74 6.45
CA MET A 347 13.06 5.08 5.88
C MET A 347 12.33 6.09 6.76
N THR A 348 12.69 7.36 6.61
CA THR A 348 12.05 8.46 7.32
C THR A 348 11.67 9.65 6.44
N GLY A 349 10.86 10.53 6.98
CA GLY A 349 10.58 11.82 6.38
C GLY A 349 9.85 11.84 5.05
N PHE A 350 10.26 10.97 4.13
CA PHE A 350 9.82 11.07 2.73
C PHE A 350 8.31 11.00 2.58
N GLY A 351 7.76 12.00 1.89
CA GLY A 351 6.33 12.14 1.70
C GLY A 351 5.66 13.06 2.70
N GLY A 352 6.40 13.45 3.74
CA GLY A 352 5.89 14.30 4.78
C GLY A 352 6.17 15.78 4.52
N PRO A 353 5.82 16.65 5.48
CA PRO A 353 5.24 16.27 6.76
C PRO A 353 3.72 16.10 6.74
N LEU A 354 3.21 15.19 7.55
CA LEU A 354 1.75 15.01 7.73
C LEU A 354 1.11 16.31 8.20
N PRO A 355 -0.20 16.50 7.91
CA PRO A 355 -0.89 17.67 8.46
C PRO A 355 -1.11 17.49 9.96
N ASN A 356 -1.34 18.57 10.70
CA ASN A 356 -1.58 18.50 12.14
C ASN A 356 -2.85 17.73 12.47
N ASP A 357 -3.84 17.87 11.59
CA ASP A 357 -5.12 17.17 11.68
C ASP A 357 -5.02 15.66 11.63
N TRP A 358 -3.88 15.16 11.19
CA TRP A 358 -3.65 13.73 10.98
C TRP A 358 -3.86 12.91 12.26
N PHE A 359 -3.25 13.36 13.35
CA PHE A 359 -3.08 12.57 14.57
C PHE A 359 -4.40 12.21 15.25
N GLU A 360 -5.22 13.20 15.56
CA GLU A 360 -6.55 13.00 16.12
C GLU A 360 -7.44 12.07 15.27
N GLN A 361 -7.40 12.24 13.95
CA GLN A 361 -8.25 11.51 13.01
C GLN A 361 -7.87 10.04 12.87
N ARG A 362 -6.56 9.78 12.94
CA ARG A 362 -6.06 8.43 12.78
C ARG A 362 -6.19 7.64 14.06
N ALA A 363 -5.97 8.31 15.21
CA ALA A 363 -6.25 7.70 16.50
C ALA A 363 -7.71 7.28 16.59
N GLU A 364 -8.61 8.14 16.11
CA GLU A 364 -10.05 7.89 16.07
C GLU A 364 -10.45 6.72 15.15
N LEU A 365 -9.85 6.65 13.96
CA LEU A 365 -10.12 5.57 13.01
C LEU A 365 -9.70 4.21 13.54
N GLY A 366 -8.55 4.15 14.23
CA GLY A 366 -8.05 2.92 14.86
C GLY A 366 -8.88 2.49 16.04
N ARG A 367 -9.35 3.46 16.83
CA ARG A 367 -10.28 3.20 17.93
C ARG A 367 -11.57 2.59 17.39
N LYS A 368 -12.07 3.18 16.31
CA LYS A 368 -13.23 2.68 15.59
C LYS A 368 -13.04 1.24 15.13
N MET A 369 -11.88 0.96 14.53
CA MET A 369 -11.56 -0.37 14.02
C MET A 369 -11.49 -1.43 15.12
N HIS A 370 -10.93 -1.06 16.29
CA HIS A 370 -10.82 -2.00 17.42
C HIS A 370 -12.16 -2.33 18.07
N ASP A 371 -13.10 -1.40 17.99
CA ASP A 371 -14.48 -1.65 18.42
C ASP A 371 -15.10 -2.74 17.55
N ARG A 372 -14.97 -2.59 16.23
CA ARG A 372 -15.51 -3.57 15.26
C ARG A 372 -14.82 -4.93 15.33
N MET A 373 -13.49 -4.93 15.37
CA MET A 373 -12.71 -6.14 15.58
C MET A 373 -13.12 -6.87 16.87
N GLN A 374 -13.36 -6.11 17.94
CA GLN A 374 -13.79 -6.66 19.24
C GLN A 374 -15.11 -7.46 19.12
N SER A 375 -16.07 -6.91 18.39
CA SER A 375 -17.33 -7.60 18.12
C SER A 375 -17.14 -8.92 17.36
N PHE A 376 -16.26 -8.91 16.36
CA PHE A 376 -15.98 -10.10 15.59
C PHE A 376 -15.11 -11.10 16.36
N GLY A 377 -14.25 -10.61 17.24
CA GLY A 377 -13.24 -11.47 17.86
C GLY A 377 -11.97 -11.53 17.04
N ILE A 378 -11.74 -10.47 16.27
CA ILE A 378 -10.48 -10.29 15.56
C ILE A 378 -9.46 -9.59 16.46
N ASN A 379 -8.32 -10.24 16.69
CA ASN A 379 -7.21 -9.61 17.41
C ASN A 379 -6.44 -8.70 16.47
N PRO A 380 -6.29 -7.41 16.84
CA PRO A 380 -5.31 -6.62 16.09
C PRO A 380 -3.89 -6.99 16.54
N VAL A 381 -2.92 -6.75 15.67
CA VAL A 381 -1.52 -6.86 16.05
C VAL A 381 -0.97 -5.44 16.16
N LEU A 382 -0.80 -4.97 17.39
CA LEU A 382 -0.28 -3.63 17.60
C LEU A 382 1.25 -3.62 17.54
N GLN A 383 1.85 -2.48 17.90
CA GLN A 383 3.29 -2.27 17.77
C GLN A 383 4.07 -2.70 19.01
N GLY A 384 5.18 -3.40 18.79
CA GLY A 384 6.19 -3.57 19.83
C GLY A 384 7.26 -2.51 19.65
N TYR A 385 8.23 -2.47 20.56
CA TYR A 385 9.35 -1.54 20.45
C TYR A 385 10.70 -2.24 20.52
N SER A 386 11.59 -1.89 19.59
CA SER A 386 12.91 -2.51 19.44
C SER A 386 14.11 -1.55 19.50
N GLY A 387 13.86 -0.26 19.65
CA GLY A 387 14.96 0.71 19.80
C GLY A 387 15.04 1.78 18.75
N MET A 388 14.04 1.86 17.88
CA MET A 388 14.01 2.81 16.78
C MET A 388 13.92 4.23 17.29
N VAL A 389 14.82 5.08 16.80
CA VAL A 389 14.90 6.48 17.18
C VAL A 389 15.40 7.29 15.99
N PRO A 390 15.10 8.60 15.96
CA PRO A 390 15.68 9.48 14.95
C PRO A 390 17.20 9.55 15.02
N ARG A 391 17.83 10.00 13.94
CA ARG A 391 19.29 10.05 13.89
C ARG A 391 19.91 11.10 14.81
N ASP A 392 19.08 12.02 15.28
CA ASP A 392 19.52 13.09 16.16
C ASP A 392 19.12 12.84 17.62
N PHE A 393 18.90 11.57 17.97
CA PHE A 393 18.40 11.22 19.30
C PHE A 393 19.41 11.57 20.40
N LYS A 394 20.67 11.22 20.19
CA LYS A 394 21.76 11.53 21.15
C LYS A 394 21.99 13.01 21.33
N GLU A 395 21.93 13.78 20.24
CA GLU A 395 21.98 15.23 20.35
C GLU A 395 21.01 15.68 21.44
N LYS A 396 19.77 15.22 21.34
CA LYS A 396 18.68 15.62 22.24
C LYS A 396 18.69 14.85 23.55
N ASN A 397 19.39 13.72 23.58
CA ASN A 397 19.45 12.85 24.75
C ASN A 397 20.86 12.28 24.85
N GLN A 398 21.76 13.10 25.38
CA GLN A 398 23.21 12.89 25.29
C GLN A 398 23.75 11.59 25.89
N GLU A 399 23.16 11.14 26.99
CA GLU A 399 23.56 9.88 27.63
C GLU A 399 23.10 8.64 26.85
N ALA A 400 22.26 8.83 25.83
CA ALA A 400 21.72 7.71 25.03
C ALA A 400 22.78 7.03 24.18
N GLN A 401 22.73 5.73 24.14
CA GLN A 401 23.64 4.97 23.31
C GLN A 401 22.90 4.44 22.12
N THR A 402 23.45 4.70 20.97
CA THR A 402 22.79 4.32 19.72
C THR A 402 23.67 3.67 18.71
N ILE A 403 23.00 3.00 17.78
CA ILE A 403 23.62 2.26 16.71
C ILE A 403 23.09 2.74 15.35
N SER A 404 23.99 3.36 14.57
CA SER A 404 23.68 3.76 13.21
C SER A 404 23.32 2.56 12.32
N GLN A 405 22.22 2.66 11.56
CA GLN A 405 21.64 1.52 10.83
C GLN A 405 21.93 1.51 9.31
N GLY A 406 22.62 2.53 8.83
CA GLY A 406 23.01 2.58 7.42
C GLY A 406 21.85 2.97 6.52
N GLY A 407 21.97 2.63 5.24
CA GLY A 407 20.96 2.95 4.27
C GLY A 407 20.06 1.81 3.87
N TRP A 408 18.86 2.17 3.40
CA TRP A 408 17.97 1.22 2.77
C TRP A 408 17.45 1.91 1.53
N CYS A 409 17.83 1.35 0.38
CA CYS A 409 17.46 1.85 -0.94
C CYS A 409 17.70 3.35 -1.15
N GLY A 410 18.84 3.83 -0.68
CA GLY A 410 19.16 5.27 -0.74
C GLY A 410 18.56 6.11 0.38
N PHE A 411 17.67 5.52 1.18
CA PHE A 411 17.13 6.22 2.36
C PHE A 411 18.02 6.00 3.58
N ASP A 412 18.08 7.01 4.44
CA ASP A 412 18.77 6.89 5.71
C ASP A 412 17.86 6.15 6.68
N ARG A 413 18.28 4.99 7.15
CA ARG A 413 17.53 4.26 8.16
C ARG A 413 17.60 5.03 9.50
N PRO A 414 16.52 4.98 10.29
CA PRO A 414 16.58 5.56 11.63
C PRO A 414 17.62 4.83 12.46
N ASP A 415 18.08 5.46 13.54
CA ASP A 415 19.01 4.79 14.45
C ASP A 415 18.34 3.67 15.23
N MET A 416 19.13 2.93 15.99
CA MET A 416 18.60 1.97 16.93
C MET A 416 19.34 2.09 18.27
N LEU A 417 18.56 2.34 19.33
CA LEU A 417 19.08 2.33 20.68
C LEU A 417 19.76 0.99 20.96
N LYS A 418 20.95 1.05 21.55
CA LYS A 418 21.58 -0.14 22.08
C LYS A 418 20.60 -0.84 23.04
N THR A 419 20.26 -2.09 22.70
CA THR A 419 19.24 -2.86 23.43
C THR A 419 19.65 -3.10 24.90
N TYR A 420 20.96 -3.15 25.12
CA TYR A 420 21.55 -3.15 26.47
C TYR A 420 22.82 -2.30 26.45
N VAL A 421 23.18 -1.77 27.60
CA VAL A 421 24.41 -0.99 27.72
C VAL A 421 25.25 -1.53 28.89
N ASN A 422 26.41 -0.93 29.12
CA ASN A 422 27.26 -1.29 30.25
C ASN A 422 26.68 -0.80 31.58
N GLU A 423 27.19 -1.35 32.69
CA GLU A 423 26.93 -0.80 34.02
C GLU A 423 27.56 0.57 34.06
N GLY A 424 26.88 1.53 34.68
CA GLY A 424 27.36 2.91 34.69
C GLY A 424 26.81 3.76 33.56
N GLU A 425 26.21 3.11 32.57
CA GLU A 425 25.59 3.81 31.45
C GLU A 425 24.06 3.89 31.57
N ALA A 426 23.48 4.98 31.08
CA ALA A 426 22.04 5.14 31.03
C ALA A 426 21.43 4.25 29.96
N ASP A 427 20.42 3.46 30.34
CA ASP A 427 19.77 2.53 29.43
C ASP A 427 18.51 3.15 28.82
N TYR A 428 18.69 3.80 27.66
CA TYR A 428 17.59 4.47 26.96
C TYR A 428 16.60 3.54 26.24
N PHE A 429 17.04 2.35 25.82
CA PHE A 429 16.10 1.35 25.37
C PHE A 429 14.99 1.16 26.41
N GLN A 430 15.36 0.90 27.68
CA GLN A 430 14.38 0.69 28.75
C GLN A 430 13.49 1.92 28.94
N LYS A 431 14.11 3.10 28.92
CA LYS A 431 13.39 4.38 29.05
C LYS A 431 12.35 4.63 27.93
N VAL A 432 12.77 4.49 26.68
CA VAL A 432 11.89 4.75 25.54
C VAL A 432 10.83 3.65 25.34
N ALA A 433 11.23 2.39 25.54
CA ALA A 433 10.28 1.26 25.50
C ALA A 433 9.20 1.39 26.57
N ASP A 434 9.58 1.82 27.77
CA ASP A 434 8.62 2.07 28.85
C ASP A 434 7.61 3.15 28.46
N VAL A 435 8.10 4.27 27.95
CA VAL A 435 7.20 5.32 27.47
C VAL A 435 6.35 4.84 26.26
N PHE A 436 6.96 4.10 25.33
CA PHE A 436 6.27 3.66 24.12
C PHE A 436 5.05 2.79 24.37
N TYR A 437 5.22 1.73 25.17
CA TYR A 437 4.10 0.87 25.52
C TYR A 437 3.05 1.61 26.37
N GLU A 438 3.51 2.43 27.30
CA GLU A 438 2.60 3.29 28.08
C GLU A 438 1.74 4.18 27.20
N LYS A 439 2.36 4.84 26.21
CA LYS A 439 1.66 5.78 25.34
C LYS A 439 0.71 5.11 24.34
N GLN A 440 1.05 3.89 23.92
CA GLN A 440 0.18 3.06 23.10
C GLN A 440 -1.05 2.58 23.88
N LYS A 441 -0.92 2.45 25.20
CA LYS A 441 -2.06 2.26 26.10
C LYS A 441 -2.98 3.47 26.08
N GLU A 442 -2.41 4.66 26.26
CA GLU A 442 -3.21 5.89 26.37
C GLU A 442 -4.03 6.19 25.12
N VAL A 443 -3.51 5.80 23.95
CA VAL A 443 -4.20 6.07 22.67
C VAL A 443 -5.31 5.03 22.39
N PHE A 444 -5.05 3.75 22.65
CA PHE A 444 -5.97 2.67 22.27
C PHE A 444 -6.49 1.79 23.39
N GLY A 445 -5.89 1.87 24.58
CA GLY A 445 -6.22 0.97 25.69
C GLY A 445 -5.67 -0.44 25.49
N ASP A 446 -6.03 -1.36 26.39
CA ASP A 446 -5.65 -2.77 26.28
C ASP A 446 -6.53 -3.52 25.29
N VAL A 447 -6.21 -3.44 24.01
CA VAL A 447 -7.05 -4.05 22.97
C VAL A 447 -6.58 -5.42 22.45
N THR A 448 -5.36 -5.81 22.80
CA THR A 448 -4.71 -6.95 22.16
C THR A 448 -3.55 -7.47 22.99
N ASN A 449 -3.19 -8.74 22.76
CA ASN A 449 -1.99 -9.34 23.34
C ASN A 449 -0.88 -9.55 22.32
N PHE A 450 -1.18 -9.25 21.04
CA PHE A 450 -0.22 -9.45 19.96
C PHE A 450 0.41 -8.13 19.52
N TYR A 451 1.74 -8.08 19.56
CA TYR A 451 2.53 -6.90 19.20
C TYR A 451 3.58 -7.25 18.16
N GLY A 452 3.65 -6.44 17.11
CA GLY A 452 4.58 -6.66 16.02
C GLY A 452 5.72 -5.65 15.96
N VAL A 453 6.94 -6.15 15.89
CA VAL A 453 8.13 -5.32 15.66
C VAL A 453 9.22 -6.21 15.04
N ASP A 454 10.09 -5.60 14.24
CA ASP A 454 11.02 -6.33 13.40
C ASP A 454 12.35 -5.59 13.19
N PRO A 455 13.22 -5.56 14.22
CA PRO A 455 14.54 -4.94 14.03
C PRO A 455 15.33 -5.66 12.93
N PHE A 456 16.20 -4.91 12.25
CA PHE A 456 17.08 -5.45 11.21
C PHE A 456 16.29 -6.04 10.04
N HIS A 457 15.14 -5.43 9.73
CA HIS A 457 14.40 -5.83 8.56
C HIS A 457 15.09 -5.29 7.30
N GLU A 458 15.55 -6.22 6.46
CA GLU A 458 16.25 -5.91 5.20
C GLU A 458 17.46 -5.00 5.37
N GLY A 459 18.24 -5.26 6.41
CA GLY A 459 19.52 -4.63 6.61
C GLY A 459 19.71 -4.19 8.03
N GLY A 460 20.33 -3.02 8.19
CA GLY A 460 20.59 -2.48 9.51
C GLY A 460 21.94 -2.95 10.00
N ASN A 461 22.14 -2.84 11.31
CA ASN A 461 23.43 -3.13 11.91
C ASN A 461 23.24 -3.49 13.38
N THR A 462 23.73 -4.67 13.77
CA THR A 462 23.68 -5.13 15.16
C THR A 462 24.77 -4.52 16.05
N GLY A 463 25.69 -3.77 15.45
CA GLY A 463 26.78 -3.11 16.19
C GLY A 463 27.69 -4.07 16.93
N ASP A 464 27.87 -3.83 18.23
CA ASP A 464 28.68 -4.68 19.08
C ASP A 464 27.85 -5.74 19.81
N LEU A 465 26.54 -5.73 19.59
CA LEU A 465 25.60 -6.46 20.42
C LEU A 465 25.50 -7.96 20.11
N ASP A 466 25.17 -8.74 21.14
CA ASP A 466 24.90 -10.17 20.97
C ASP A 466 23.48 -10.34 20.40
N ASN A 467 23.37 -11.00 19.24
CA ASN A 467 22.10 -11.21 18.53
C ASN A 467 20.97 -11.84 19.37
N GLY A 468 21.27 -12.95 20.03
CA GLY A 468 20.33 -13.58 20.95
C GLY A 468 19.88 -12.66 22.08
N LYS A 469 20.84 -12.05 22.74
CA LYS A 469 20.57 -11.14 23.87
C LYS A 469 19.64 -9.96 23.48
N ILE A 470 19.79 -9.46 22.26
CA ILE A 470 18.89 -8.41 21.71
C ILE A 470 17.43 -8.86 21.74
N TYR A 471 17.16 -10.08 21.25
CA TYR A 471 15.80 -10.65 21.19
C TYR A 471 15.22 -11.02 22.56
N GLU A 472 16.09 -11.45 23.47
CA GLU A 472 15.72 -11.70 24.86
C GLU A 472 15.13 -10.45 25.51
N ILE A 473 15.84 -9.33 25.38
CA ILE A 473 15.51 -8.09 26.09
C ILE A 473 14.32 -7.38 25.46
N ILE A 474 14.20 -7.49 24.14
CA ILE A 474 13.03 -6.95 23.45
C ILE A 474 11.76 -7.66 23.93
N GLN A 475 11.79 -9.01 23.91
CA GLN A 475 10.68 -9.82 24.40
C GLN A 475 10.38 -9.59 25.89
N ASN A 476 11.43 -9.56 26.72
CA ASN A 476 11.26 -9.38 28.16
C ASN A 476 10.66 -8.02 28.52
N LYS A 477 11.02 -7.00 27.74
CA LYS A 477 10.44 -5.68 27.86
C LYS A 477 8.97 -5.67 27.42
N MET A 478 8.67 -6.40 26.35
CA MET A 478 7.31 -6.51 25.85
C MET A 478 6.40 -7.22 26.87
N ILE A 479 6.88 -8.34 27.41
CA ILE A 479 6.13 -9.10 28.40
C ILE A 479 5.95 -8.33 29.72
N GLU A 480 6.88 -7.42 30.01
CA GLU A 480 6.81 -6.56 31.19
C GLU A 480 5.59 -5.63 31.18
N HIS A 481 5.17 -5.21 30.02
CA HIS A 481 4.08 -4.32 29.88
C HIS A 481 2.77 -5.02 29.57
N ASP A 482 2.86 -6.28 29.20
CA ASP A 482 1.70 -7.16 28.98
C ASP A 482 2.21 -8.58 29.24
N ASN A 483 1.84 -9.17 30.38
CA ASN A 483 2.34 -10.50 30.75
C ASN A 483 1.90 -11.59 29.77
N ASP A 484 0.84 -11.33 29.02
CA ASP A 484 0.29 -12.27 28.05
C ASP A 484 0.73 -11.96 26.62
N ALA A 485 1.76 -11.14 26.46
CA ALA A 485 2.16 -10.64 25.14
C ALA A 485 2.71 -11.74 24.24
N VAL A 486 2.38 -11.65 22.95
CA VAL A 486 2.95 -12.54 21.95
C VAL A 486 3.61 -11.66 20.89
N TRP A 487 4.91 -11.88 20.72
CA TRP A 487 5.70 -11.10 19.77
C TRP A 487 5.58 -11.72 18.39
N VAL A 488 4.92 -10.98 17.49
CA VAL A 488 4.75 -11.38 16.10
C VAL A 488 5.98 -10.91 15.31
N ILE A 489 6.76 -11.88 14.84
CA ILE A 489 8.03 -11.63 14.15
C ILE A 489 7.92 -12.12 12.72
N GLN A 490 8.25 -11.27 11.76
CA GLN A 490 8.30 -11.68 10.35
C GLN A 490 9.53 -12.55 10.09
N ASN A 491 9.38 -13.57 9.26
CA ASN A 491 10.49 -14.37 8.78
C ASN A 491 10.72 -14.09 7.29
N TRP A 492 11.67 -13.20 7.02
CA TRP A 492 11.93 -12.79 5.65
C TRP A 492 13.38 -13.06 5.27
N GLN A 493 13.55 -13.92 4.26
CA GLN A 493 14.85 -14.31 3.69
C GLN A 493 15.90 -14.83 4.69
N GLY A 494 15.46 -15.70 5.61
CA GLY A 494 16.35 -16.34 6.58
C GLY A 494 16.69 -15.47 7.79
N ASN A 495 16.03 -14.33 7.89
CA ASN A 495 16.17 -13.45 9.04
C ASN A 495 14.82 -13.20 9.73
N PRO A 496 14.79 -13.19 11.08
CA PRO A 496 15.95 -13.28 11.96
C PRO A 496 16.61 -14.64 11.97
N SER A 497 17.94 -14.64 12.05
CA SER A 497 18.74 -15.86 12.11
C SER A 497 18.35 -16.73 13.29
N ASN A 498 18.69 -18.01 13.21
CA ASN A 498 18.44 -18.93 14.32
C ASN A 498 18.94 -18.41 15.67
N ASN A 499 20.18 -17.92 15.72
CA ASN A 499 20.72 -17.51 17.01
C ASN A 499 20.13 -16.23 17.59
N LYS A 500 19.49 -15.42 16.74
CA LYS A 500 18.60 -14.35 17.18
C LYS A 500 17.34 -14.92 17.82
N LEU A 501 16.77 -15.91 17.14
CA LEU A 501 15.56 -16.59 17.59
C LEU A 501 15.77 -17.47 18.83
N GLU A 502 16.95 -18.06 18.97
CA GLU A 502 17.32 -18.80 20.19
C GLU A 502 17.36 -17.92 21.46
N GLY A 503 17.51 -16.61 21.28
CA GLY A 503 17.48 -15.67 22.40
C GLY A 503 16.11 -15.44 23.02
N LEU A 504 15.07 -15.93 22.36
CA LEU A 504 13.71 -15.87 22.89
C LEU A 504 13.57 -16.91 23.99
N THR A 505 13.46 -16.46 25.23
CA THR A 505 13.40 -17.39 26.37
C THR A 505 11.97 -17.86 26.66
N LYS A 506 10.99 -17.14 26.13
CA LYS A 506 9.59 -17.53 26.22
C LYS A 506 9.01 -17.83 24.82
N LYS A 507 9.18 -19.08 24.39
CA LYS A 507 8.84 -19.50 23.02
C LYS A 507 7.35 -19.40 22.72
N ASP A 508 6.51 -19.79 23.69
CA ASP A 508 5.07 -19.75 23.51
C ASP A 508 4.56 -18.32 23.40
N GLN A 509 5.42 -17.37 23.73
CA GLN A 509 5.07 -15.95 23.66
C GLN A 509 5.88 -15.22 22.60
N ALA A 510 6.32 -15.97 21.59
CA ALA A 510 6.53 -15.42 20.26
C ALA A 510 5.76 -16.22 19.21
N MET A 511 5.63 -15.64 18.01
CA MET A 511 4.96 -16.31 16.91
C MET A 511 5.51 -15.75 15.62
N VAL A 512 6.10 -16.64 14.84
CA VAL A 512 6.82 -16.22 13.65
C VAL A 512 5.95 -16.39 12.43
N LEU A 513 5.86 -15.33 11.64
CA LEU A 513 5.21 -15.39 10.34
C LEU A 513 6.20 -15.92 9.30
N ASP A 514 5.99 -17.13 8.82
CA ASP A 514 6.72 -17.61 7.64
C ASP A 514 6.09 -16.87 6.45
N LEU A 515 6.80 -15.89 5.94
CA LEU A 515 6.19 -14.89 5.05
C LEU A 515 5.82 -15.40 3.67
N PHE A 516 6.63 -16.31 3.13
CA PHE A 516 6.60 -16.65 1.70
C PHE A 516 6.49 -18.16 1.51
N SER A 517 5.63 -18.80 2.29
CA SER A 517 5.54 -20.26 2.35
C SER A 517 5.15 -20.93 1.03
N GLU A 518 4.53 -20.19 0.12
CA GLU A 518 4.02 -20.79 -1.14
C GLU A 518 5.03 -20.79 -2.30
N VAL A 519 6.16 -20.11 -2.10
CA VAL A 519 7.25 -20.10 -3.07
C VAL A 519 8.56 -20.51 -2.40
N SER A 520 8.75 -20.04 -1.17
CA SER A 520 10.00 -20.28 -0.45
C SER A 520 9.80 -20.54 1.06
N PRO A 521 9.17 -21.68 1.42
CA PRO A 521 8.88 -22.00 2.83
C PRO A 521 10.17 -22.10 3.63
N ASP A 522 10.12 -21.59 4.87
CA ASP A 522 11.31 -21.51 5.73
C ASP A 522 10.91 -21.72 7.20
N TRP A 523 9.88 -22.52 7.42
CA TRP A 523 9.35 -22.78 8.75
C TRP A 523 10.01 -23.96 9.49
N ASN A 524 10.70 -24.83 8.76
CA ASN A 524 11.35 -25.99 9.40
C ASN A 524 12.31 -25.59 10.50
N ARG A 525 13.06 -24.51 10.27
CA ARG A 525 13.96 -23.93 11.27
C ARG A 525 13.18 -23.52 12.52
N LEU A 526 12.00 -22.94 12.31
CA LEU A 526 11.14 -22.46 13.39
C LEU A 526 10.50 -23.62 14.15
N GLU A 527 9.97 -24.59 13.40
CA GLU A 527 9.37 -25.79 13.96
C GLU A 527 10.36 -26.54 14.86
N GLU A 528 11.59 -26.74 14.37
CA GLU A 528 12.68 -27.37 15.12
C GLU A 528 13.05 -26.64 16.41
N ARG A 529 12.86 -25.32 16.43
CA ARG A 529 13.17 -24.53 17.60
C ARG A 529 11.97 -24.30 18.51
N ASP A 530 10.90 -25.06 18.25
CA ASP A 530 9.67 -25.01 19.05
C ASP A 530 9.01 -23.65 19.07
N LEU A 531 9.16 -22.90 17.99
CA LEU A 531 8.51 -21.59 17.88
C LEU A 531 7.15 -21.77 17.23
N PRO A 532 6.08 -21.24 17.87
CA PRO A 532 4.78 -21.09 17.22
C PRO A 532 4.92 -20.30 15.91
N TRP A 533 4.37 -20.82 14.82
CA TRP A 533 4.54 -20.17 13.52
C TRP A 533 3.29 -20.29 12.65
N ILE A 534 3.24 -19.41 11.64
CA ILE A 534 2.10 -19.31 10.73
C ILE A 534 2.60 -19.45 9.30
N TRP A 535 1.91 -20.31 8.54
CA TRP A 535 2.11 -20.53 7.10
C TRP A 535 1.39 -19.45 6.30
N ASN A 536 2.14 -18.65 5.56
CA ASN A 536 1.54 -17.52 4.84
C ASN A 536 1.74 -17.58 3.35
N MET A 537 0.70 -17.22 2.60
CA MET A 537 0.82 -16.96 1.17
C MET A 537 1.05 -15.47 0.97
N LEU A 538 2.26 -15.11 0.51
CA LEU A 538 2.61 -13.74 0.21
C LEU A 538 1.97 -13.33 -1.12
N HIS A 539 2.31 -14.05 -2.18
CA HIS A 539 1.70 -13.92 -3.51
C HIS A 539 2.01 -12.65 -4.31
N ASN A 540 1.68 -11.50 -3.74
CA ASN A 540 1.66 -10.26 -4.46
C ASN A 540 2.81 -9.39 -3.98
N PHE A 541 3.61 -8.90 -4.92
CA PHE A 541 4.68 -7.97 -4.60
C PHE A 541 4.41 -6.61 -5.22
N GLY A 542 4.44 -5.58 -4.38
CA GLY A 542 4.33 -4.20 -4.82
C GLY A 542 3.04 -3.81 -5.50
N GLY A 543 2.05 -4.69 -5.46
CA GLY A 543 0.82 -4.49 -6.23
C GLY A 543 0.98 -4.75 -7.72
N ARG A 544 2.11 -5.31 -8.14
CA ARG A 544 2.35 -5.62 -9.55
C ARG A 544 1.41 -6.71 -10.02
N MET A 545 0.89 -6.51 -11.23
CA MET A 545 -0.26 -7.25 -11.73
C MET A 545 0.09 -8.29 -12.78
N GLY A 546 -0.85 -9.21 -12.99
CA GLY A 546 -0.65 -10.33 -13.90
C GLY A 546 -1.31 -11.57 -13.35
N MET A 547 -1.62 -12.51 -14.22
CA MET A 547 -2.19 -13.79 -13.83
C MET A 547 -1.13 -14.69 -13.20
N ASP A 548 -1.23 -14.87 -11.89
CA ASP A 548 -0.25 -15.63 -11.12
C ASP A 548 -0.89 -16.11 -9.83
N ALA A 549 -0.87 -17.43 -9.63
CA ALA A 549 -1.36 -18.04 -8.40
C ALA A 549 -0.77 -19.44 -8.21
N ALA A 550 -0.77 -19.90 -6.96
CA ALA A 550 -0.23 -21.22 -6.62
C ALA A 550 -1.30 -22.10 -5.96
N PRO A 551 -2.42 -22.35 -6.67
CA PRO A 551 -3.54 -23.02 -6.01
C PRO A 551 -3.28 -24.48 -5.62
N GLU A 552 -2.50 -25.21 -6.42
CA GLU A 552 -2.13 -26.61 -6.09
C GLU A 552 -1.29 -26.74 -4.82
N LYS A 553 -0.34 -25.82 -4.62
CA LYS A 553 0.46 -25.82 -3.39
C LYS A 553 -0.41 -25.49 -2.18
N LEU A 554 -1.32 -24.54 -2.36
CA LEU A 554 -2.27 -24.17 -1.31
C LEU A 554 -3.14 -25.34 -0.88
N ALA A 555 -3.57 -26.15 -1.85
CA ALA A 555 -4.49 -27.27 -1.61
C ALA A 555 -3.78 -28.50 -1.05
N THR A 556 -2.46 -28.51 -1.13
CA THR A 556 -1.68 -29.68 -0.72
C THR A 556 -0.72 -29.37 0.43
N GLU A 557 0.09 -28.32 0.25
CA GLU A 557 1.17 -27.99 1.19
C GLU A 557 0.68 -27.54 2.57
N ILE A 558 -0.47 -26.88 2.61
CA ILE A 558 -1.04 -26.44 3.88
C ILE A 558 -1.38 -27.64 4.83
N PRO A 559 -2.31 -28.53 4.42
CA PRO A 559 -2.58 -29.73 5.27
C PRO A 559 -1.36 -30.61 5.51
N LYS A 560 -0.48 -30.72 4.52
CA LYS A 560 0.77 -31.48 4.68
C LYS A 560 1.60 -30.91 5.83
N ALA A 561 1.77 -29.59 5.87
CA ALA A 561 2.53 -28.92 6.93
C ALA A 561 1.87 -29.07 8.31
N LEU A 562 0.53 -29.06 8.34
CA LEU A 562 -0.18 -29.34 9.59
C LEU A 562 0.12 -30.76 10.10
N ALA A 563 0.08 -31.75 9.19
CA ALA A 563 0.34 -33.15 9.55
C ALA A 563 1.77 -33.39 10.02
N ASN A 564 2.71 -32.65 9.43
CA ASN A 564 4.14 -32.83 9.72
C ASN A 564 4.73 -31.82 10.71
N SER A 565 3.89 -31.24 11.58
CA SER A 565 4.37 -30.25 12.58
C SER A 565 3.65 -30.34 13.91
N GLU A 566 4.25 -29.75 14.95
CA GLU A 566 3.63 -29.63 16.27
C GLU A 566 3.38 -28.18 16.67
N HIS A 567 3.96 -27.23 15.93
CA HIS A 567 3.90 -25.82 16.34
C HIS A 567 3.28 -24.87 15.32
N MET A 568 2.63 -25.45 14.32
CA MET A 568 1.90 -24.67 13.34
C MET A 568 0.58 -24.22 13.96
N VAL A 569 0.57 -22.96 14.39
CA VAL A 569 -0.58 -22.38 15.11
C VAL A 569 -1.50 -21.56 14.21
N GLY A 570 -1.23 -21.56 12.92
CA GLY A 570 -2.06 -20.81 11.99
C GLY A 570 -1.64 -20.80 10.54
N ILE A 571 -2.48 -20.18 9.71
CA ILE A 571 -2.19 -19.92 8.30
C ILE A 571 -2.52 -18.46 8.06
N GLY A 572 -2.11 -17.90 6.93
CA GLY A 572 -2.37 -16.50 6.67
C GLY A 572 -2.00 -15.96 5.31
N ILE A 573 -2.21 -14.66 5.15
CA ILE A 573 -1.80 -13.96 3.94
C ILE A 573 -0.88 -12.78 4.27
N THR A 574 0.20 -12.65 3.51
CA THR A 574 1.15 -11.57 3.73
C THR A 574 1.40 -10.76 2.45
N PRO A 575 0.32 -10.37 1.72
CA PRO A 575 0.52 -9.71 0.44
C PRO A 575 0.93 -8.25 0.61
N GLU A 576 1.76 -7.77 -0.30
CA GLU A 576 2.22 -6.40 -0.24
C GLU A 576 1.12 -5.45 -0.72
N ALA A 577 0.18 -6.02 -1.48
CA ALA A 577 -1.03 -5.32 -1.93
C ALA A 577 -2.10 -6.37 -2.12
N ILE A 578 -3.36 -5.98 -1.92
CA ILE A 578 -4.49 -6.85 -2.17
C ILE A 578 -5.24 -6.30 -3.38
N ASN A 579 -4.80 -6.67 -4.58
CA ASN A 579 -5.39 -6.11 -5.80
C ASN A 579 -5.50 -7.07 -6.99
N THR A 580 -5.14 -8.31 -6.79
CA THR A 580 -4.85 -9.25 -7.85
C THR A 580 -5.30 -10.70 -7.52
N ASN A 581 -5.73 -11.48 -8.50
CA ASN A 581 -5.92 -12.94 -8.34
C ASN A 581 -6.72 -13.39 -7.09
N PRO A 582 -8.03 -13.06 -7.03
CA PRO A 582 -8.90 -13.42 -5.90
C PRO A 582 -8.94 -14.92 -5.57
N LEU A 583 -8.79 -15.77 -6.59
CA LEU A 583 -8.78 -17.22 -6.45
C LEU A 583 -7.75 -17.59 -5.40
N ALA A 584 -6.57 -16.98 -5.46
CA ALA A 584 -5.46 -17.27 -4.55
C ALA A 584 -5.83 -17.05 -3.09
N TYR A 585 -6.56 -15.98 -2.79
CA TYR A 585 -6.88 -15.58 -1.43
C TYR A 585 -8.05 -16.35 -0.85
N GLU A 586 -9.01 -16.68 -1.71
CA GLU A 586 -10.17 -17.45 -1.30
C GLU A 586 -9.80 -18.89 -0.97
N LEU A 587 -8.89 -19.47 -1.76
CA LEU A 587 -8.42 -20.83 -1.52
C LEU A 587 -7.58 -20.92 -0.24
N LEU A 588 -6.68 -19.96 -0.02
CA LEU A 588 -5.87 -20.00 1.19
C LEU A 588 -6.75 -20.01 2.44
N PHE A 589 -7.71 -19.10 2.50
CA PHE A 589 -8.59 -19.00 3.65
C PHE A 589 -9.58 -20.16 3.75
N ASP A 590 -9.94 -20.75 2.62
CA ASP A 590 -10.68 -22.01 2.59
C ASP A 590 -9.89 -23.19 3.17
N MET A 591 -8.57 -23.12 3.10
CA MET A 591 -7.73 -24.21 3.59
C MET A 591 -7.60 -24.26 5.11
N ALA A 592 -8.12 -23.23 5.78
CA ALA A 592 -8.18 -23.22 7.26
C ALA A 592 -9.17 -24.25 7.83
N TRP A 593 -10.18 -24.61 7.03
CA TRP A 593 -11.30 -25.39 7.54
C TRP A 593 -11.23 -26.84 7.10
N THR A 594 -10.00 -27.35 6.97
CA THR A 594 -9.75 -28.73 6.55
C THR A 594 -8.42 -29.26 7.09
N ARG A 595 -8.37 -30.56 7.37
CA ARG A 595 -7.16 -31.21 7.82
C ARG A 595 -6.57 -32.03 6.67
N ASP A 596 -7.30 -32.07 5.56
CA ASP A 596 -6.93 -32.92 4.42
C ASP A 596 -6.64 -32.10 3.18
N GLN A 597 -5.74 -32.63 2.36
CA GLN A 597 -5.47 -32.08 1.03
C GLN A 597 -6.75 -32.13 0.22
N ILE A 598 -7.03 -31.08 -0.53
CA ILE A 598 -8.19 -31.07 -1.41
C ILE A 598 -7.78 -31.07 -2.87
N ASN A 599 -8.78 -31.18 -3.75
CA ASN A 599 -8.58 -31.11 -5.19
C ASN A 599 -8.72 -29.68 -5.67
N PHE A 600 -7.60 -29.07 -6.06
CA PHE A 600 -7.58 -27.67 -6.50
C PHE A 600 -8.32 -27.46 -7.81
N ARG A 601 -8.42 -28.52 -8.62
CA ARG A 601 -9.12 -28.48 -9.91
C ARG A 601 -10.65 -28.43 -9.78
N THR A 602 -11.20 -29.26 -8.89
CA THR A 602 -12.64 -29.25 -8.64
C THR A 602 -13.04 -28.13 -7.67
N TRP A 603 -12.08 -27.61 -6.89
CA TRP A 603 -12.32 -26.45 -6.06
C TRP A 603 -12.50 -25.19 -6.93
N THR A 604 -11.70 -25.09 -8.00
CA THR A 604 -11.83 -24.01 -8.98
C THR A 604 -13.16 -24.11 -9.72
N GLU A 605 -13.44 -25.28 -10.30
CA GLU A 605 -14.73 -25.53 -10.93
C GLU A 605 -15.90 -24.97 -10.10
N ASP A 606 -15.96 -25.36 -8.83
CA ASP A 606 -16.95 -24.82 -7.88
C ASP A 606 -16.84 -23.31 -7.70
N TYR A 607 -15.62 -22.83 -7.47
CA TYR A 607 -15.34 -21.40 -7.29
C TYR A 607 -15.87 -20.51 -8.43
N ILE A 608 -15.57 -20.89 -9.67
CA ILE A 608 -15.93 -20.06 -10.83
C ILE A 608 -17.44 -19.95 -11.04
N GLU A 609 -18.17 -21.01 -10.68
CA GLU A 609 -19.62 -20.99 -10.79
C GLU A 609 -20.30 -20.02 -9.83
N ARG A 610 -19.79 -19.90 -8.61
CA ARG A 610 -20.41 -18.99 -7.65
C ARG A 610 -19.91 -17.58 -7.83
N ARG A 611 -18.74 -17.44 -8.44
CA ARG A 611 -18.15 -16.13 -8.74
C ARG A 611 -18.85 -15.46 -9.92
N TYR A 612 -19.25 -16.24 -10.92
CA TYR A 612 -19.95 -15.69 -12.10
C TYR A 612 -21.47 -15.79 -12.00
N GLY A 613 -21.96 -16.57 -11.05
CA GLY A 613 -23.40 -16.80 -10.90
C GLY A 613 -23.90 -17.91 -11.80
N LYS A 614 -22.98 -18.53 -12.53
CA LYS A 614 -23.30 -19.56 -13.51
C LYS A 614 -22.02 -20.05 -14.18
N THR A 615 -22.12 -21.21 -14.81
CA THR A 615 -20.99 -21.78 -15.51
C THR A 615 -21.47 -22.60 -16.70
N ASN A 616 -20.56 -22.91 -17.61
CA ASN A 616 -20.83 -23.90 -18.64
C ASN A 616 -19.57 -24.74 -18.92
N LYS A 617 -19.65 -25.57 -19.95
CA LYS A 617 -18.56 -26.46 -20.31
C LYS A 617 -17.34 -25.66 -20.77
N GLU A 618 -17.60 -24.62 -21.56
CA GLU A 618 -16.53 -23.80 -22.16
C GLU A 618 -15.79 -22.90 -21.17
N ILE A 619 -16.53 -22.24 -20.28
CA ILE A 619 -15.92 -21.45 -19.21
C ILE A 619 -14.99 -22.32 -18.35
N LEU A 620 -15.43 -23.54 -18.08
CA LEU A 620 -14.66 -24.50 -17.31
C LEU A 620 -13.34 -24.84 -18.02
N GLU A 621 -13.41 -25.11 -19.32
CA GLU A 621 -12.19 -25.43 -20.09
C GLU A 621 -11.23 -24.25 -20.18
N ALA A 622 -11.78 -23.05 -20.27
CA ALA A 622 -10.99 -21.81 -20.24
C ALA A 622 -10.22 -21.69 -18.91
N TRP A 623 -10.90 -22.01 -17.82
CA TRP A 623 -10.28 -22.03 -16.49
C TRP A 623 -9.27 -23.14 -16.26
N ASN A 624 -9.53 -24.32 -16.81
CA ASN A 624 -8.56 -25.41 -16.81
C ASN A 624 -7.29 -25.05 -17.59
N ILE A 625 -7.46 -24.38 -18.73
CA ILE A 625 -6.33 -23.78 -19.45
C ILE A 625 -5.54 -22.85 -18.53
N ILE A 626 -6.23 -21.97 -17.82
CA ILE A 626 -5.58 -21.05 -16.85
C ILE A 626 -4.82 -21.85 -15.77
N LEU A 627 -5.48 -22.83 -15.18
CA LEU A 627 -4.84 -23.72 -14.22
C LEU A 627 -3.66 -24.44 -14.86
N ASP A 628 -3.76 -24.74 -16.15
CA ASP A 628 -2.67 -25.39 -16.89
C ASP A 628 -1.55 -24.43 -17.33
N THR A 629 -1.84 -23.13 -17.34
CA THR A 629 -0.88 -22.14 -17.79
C THR A 629 -0.43 -21.18 -16.67
N ALA A 630 -1.14 -20.07 -16.50
CA ALA A 630 -0.74 -19.01 -15.56
C ALA A 630 -0.70 -19.46 -14.09
N TYR A 631 -1.58 -20.40 -13.75
CA TYR A 631 -1.77 -20.89 -12.38
C TYR A 631 -1.15 -22.28 -12.16
N LYS A 632 -0.47 -22.79 -13.19
CA LYS A 632 0.21 -24.08 -13.09
C LYS A 632 1.29 -24.03 -12.02
N LYS A 633 1.35 -25.10 -11.23
CA LYS A 633 2.33 -25.22 -10.15
C LYS A 633 3.73 -24.98 -10.68
N ARG A 634 4.55 -24.27 -9.91
CA ARG A 634 5.95 -24.10 -10.28
C ARG A 634 6.90 -24.25 -9.10
N ASN A 635 8.14 -24.58 -9.40
CA ASN A 635 9.09 -24.96 -8.35
C ASN A 635 10.32 -24.06 -8.30
N ASP A 636 10.27 -22.94 -9.01
CA ASP A 636 11.38 -21.99 -8.97
C ASP A 636 11.11 -20.87 -7.96
N TYR A 637 12.06 -19.94 -7.87
CA TYR A 637 11.92 -18.79 -7.01
C TYR A 637 11.60 -17.58 -7.87
N TYR A 638 10.61 -16.79 -7.43
CA TYR A 638 10.11 -15.65 -8.18
C TYR A 638 9.30 -14.73 -7.25
N GLN A 639 9.32 -13.44 -7.54
CA GLN A 639 8.61 -12.48 -6.69
C GLN A 639 7.44 -11.81 -7.42
N GLY A 640 6.26 -12.41 -7.26
CA GLY A 640 5.03 -11.88 -7.84
C GLY A 640 4.76 -12.32 -9.26
N ALA A 641 3.80 -11.67 -9.90
CA ALA A 641 3.39 -11.97 -11.26
C ALA A 641 4.46 -11.55 -12.25
N ALA A 642 4.70 -12.39 -13.26
CA ALA A 642 5.59 -12.06 -14.37
C ALA A 642 5.27 -10.66 -14.89
N GLU A 643 6.30 -9.83 -15.00
CA GLU A 643 6.12 -8.41 -15.27
C GLU A 643 5.94 -8.06 -16.75
N SER A 644 5.04 -7.11 -17.00
CA SER A 644 4.76 -6.61 -18.33
C SER A 644 5.87 -5.67 -18.82
N ILE A 645 6.29 -5.87 -20.07
CA ILE A 645 7.33 -5.07 -20.72
C ILE A 645 6.88 -3.62 -20.95
N ILE A 646 5.57 -3.45 -21.11
CA ILE A 646 4.92 -2.15 -21.20
C ILE A 646 5.30 -1.27 -20.00
N ASN A 647 5.38 -1.88 -18.82
CA ASN A 647 5.68 -1.20 -17.57
C ASN A 647 7.16 -0.99 -17.25
N ALA A 648 8.03 -1.52 -18.10
CA ALA A 648 9.47 -1.41 -17.90
C ALA A 648 10.06 -0.14 -18.52
N ARG A 649 11.14 0.34 -17.90
CA ARG A 649 11.93 1.44 -18.43
C ARG A 649 12.56 0.94 -19.71
N PRO A 650 12.35 1.64 -20.85
CA PRO A 650 12.81 1.14 -22.15
C PRO A 650 14.33 0.99 -22.26
N GLY A 651 14.77 0.00 -23.04
CA GLY A 651 16.17 -0.38 -23.17
C GLY A 651 16.30 -1.72 -23.87
N PHE A 652 17.53 -2.25 -23.93
CA PHE A 652 17.79 -3.54 -24.59
C PHE A 652 18.07 -4.62 -23.54
N GLY A 653 17.64 -5.84 -23.83
CA GLY A 653 17.86 -6.96 -22.92
C GLY A 653 17.07 -6.87 -21.62
N ILE A 654 15.92 -6.21 -21.67
CA ILE A 654 15.03 -6.08 -20.51
C ILE A 654 14.49 -7.44 -20.07
N LYS A 655 14.66 -7.77 -18.79
CA LYS A 655 14.20 -9.02 -18.21
C LYS A 655 13.36 -8.81 -16.95
N SER A 656 12.78 -7.61 -16.83
CA SER A 656 12.03 -7.18 -15.63
C SER A 656 11.73 -5.70 -15.73
N ALA A 657 10.71 -5.26 -15.00
CA ALA A 657 10.37 -3.86 -14.84
C ALA A 657 10.91 -3.34 -13.50
N SER A 658 10.84 -4.18 -12.48
CA SER A 658 11.36 -3.85 -11.15
C SER A 658 12.64 -4.64 -10.93
N THR A 659 13.50 -4.14 -10.04
CA THR A 659 14.81 -4.74 -9.75
C THR A 659 14.76 -6.23 -9.37
N TRP A 660 13.86 -6.60 -8.46
CA TRP A 660 13.79 -7.99 -8.01
C TRP A 660 12.67 -8.76 -8.71
N GLY A 661 12.09 -8.13 -9.74
CA GLY A 661 11.00 -8.72 -10.51
C GLY A 661 11.47 -9.65 -11.62
N HIS A 662 10.51 -10.17 -12.39
CA HIS A 662 10.80 -11.11 -13.47
C HIS A 662 9.74 -10.97 -14.55
N SER A 663 10.14 -11.17 -15.80
CA SER A 663 9.24 -11.03 -16.94
C SER A 663 9.10 -12.32 -17.76
N LYS A 664 9.84 -13.36 -17.38
CA LYS A 664 9.82 -14.62 -18.10
C LYS A 664 8.48 -15.31 -17.88
N ILE A 665 7.75 -15.51 -18.97
CA ILE A 665 6.50 -16.26 -18.96
C ILE A 665 6.85 -17.74 -19.08
N VAL A 666 6.33 -18.51 -18.13
CA VAL A 666 6.76 -19.89 -17.92
C VAL A 666 5.78 -20.92 -18.52
N TYR A 667 4.75 -20.42 -19.18
CA TYR A 667 3.73 -21.23 -19.83
C TYR A 667 3.66 -20.88 -21.31
N ASP A 668 3.03 -21.76 -22.09
CA ASP A 668 2.81 -21.52 -23.50
C ASP A 668 1.84 -20.36 -23.72
N LYS A 669 2.30 -19.35 -24.47
CA LYS A 669 1.51 -18.15 -24.71
C LYS A 669 0.28 -18.37 -25.60
N SER A 670 0.44 -19.18 -26.64
CA SER A 670 -0.65 -19.49 -27.57
C SER A 670 -1.70 -20.35 -26.89
N GLU A 671 -1.25 -21.21 -25.98
CA GLU A 671 -2.14 -22.02 -25.19
C GLU A 671 -2.96 -21.14 -24.24
N PHE A 672 -2.30 -20.20 -23.56
CA PHE A 672 -3.02 -19.25 -22.71
C PHE A 672 -4.05 -18.41 -23.48
N GLU A 673 -3.72 -18.00 -24.70
CA GLU A 673 -4.66 -17.25 -25.55
C GLU A 673 -6.02 -17.93 -25.80
N LYS A 674 -6.04 -19.26 -25.76
CA LYS A 674 -7.28 -20.01 -25.96
C LYS A 674 -8.35 -19.63 -24.92
N ALA A 675 -7.94 -19.44 -23.67
CA ALA A 675 -8.81 -18.94 -22.60
C ALA A 675 -9.51 -17.62 -22.98
N ILE A 676 -8.80 -16.73 -23.68
CA ILE A 676 -9.35 -15.44 -24.10
C ILE A 676 -10.40 -15.62 -25.22
N GLU A 677 -10.10 -16.47 -26.20
CA GLU A 677 -11.06 -16.86 -27.23
C GLU A 677 -12.37 -17.38 -26.63
N ILE A 678 -12.25 -18.30 -25.67
CA ILE A 678 -13.44 -18.86 -25.02
C ILE A 678 -14.23 -17.79 -24.26
N PHE A 679 -13.52 -16.91 -23.54
CA PHE A 679 -14.15 -15.79 -22.83
C PHE A 679 -14.87 -14.81 -23.77
N ALA A 680 -14.25 -14.46 -24.90
CA ALA A 680 -14.89 -13.61 -25.92
C ALA A 680 -16.14 -14.26 -26.54
N LYS A 681 -16.05 -15.58 -26.77
CA LYS A 681 -17.13 -16.40 -27.30
C LYS A 681 -18.33 -16.42 -26.34
N ASN A 682 -18.03 -16.37 -25.04
CA ASN A 682 -19.07 -16.42 -24.01
C ASN A 682 -19.36 -15.07 -23.38
N TYR A 683 -18.75 -14.01 -23.92
CA TYR A 683 -18.90 -12.67 -23.37
C TYR A 683 -20.37 -12.26 -23.19
N ASP A 684 -21.15 -12.34 -24.26
CA ASP A 684 -22.54 -11.89 -24.22
C ASP A 684 -23.36 -12.58 -23.15
N GLU A 685 -23.14 -13.88 -22.99
CA GLU A 685 -23.85 -14.64 -21.99
C GLU A 685 -23.46 -14.26 -20.56
N PHE A 686 -22.19 -13.92 -20.35
CA PHE A 686 -21.64 -13.72 -18.99
C PHE A 686 -21.39 -12.26 -18.59
N LYS A 687 -21.60 -11.33 -19.53
CA LYS A 687 -21.45 -9.89 -19.27
C LYS A 687 -22.32 -9.32 -18.14
N ASP A 688 -23.33 -10.08 -17.72
CA ASP A 688 -24.17 -9.75 -16.56
C ASP A 688 -23.42 -9.86 -15.22
N SER A 689 -22.37 -10.69 -15.20
CA SER A 689 -21.54 -10.87 -14.02
C SER A 689 -20.36 -9.90 -14.03
N ASP A 690 -20.25 -9.08 -12.98
CA ASP A 690 -19.15 -8.13 -12.85
C ASP A 690 -17.81 -8.80 -12.58
N ALA A 691 -17.83 -9.94 -11.88
CA ALA A 691 -16.63 -10.71 -11.64
C ALA A 691 -16.13 -11.41 -12.92
N PHE A 692 -17.05 -11.74 -13.83
CA PHE A 692 -16.66 -12.26 -15.13
C PHE A 692 -15.88 -11.22 -15.91
N LEU A 693 -16.41 -10.00 -15.94
CA LEU A 693 -15.77 -8.87 -16.61
C LEU A 693 -14.39 -8.60 -16.03
N TYR A 694 -14.32 -8.54 -14.71
CA TYR A 694 -13.06 -8.39 -13.97
C TYR A 694 -12.05 -9.46 -14.35
N ASP A 695 -12.48 -10.72 -14.39
CA ASP A 695 -11.59 -11.81 -14.76
C ASP A 695 -11.21 -11.78 -16.23
N PHE A 696 -12.16 -11.41 -17.08
CA PHE A 696 -11.92 -11.19 -18.51
C PHE A 696 -10.91 -10.07 -18.79
N ALA A 697 -11.05 -8.92 -18.12
CA ALA A 697 -10.03 -7.86 -18.20
C ALA A 697 -8.64 -8.36 -17.76
N ASP A 698 -8.59 -9.17 -16.72
CA ASP A 698 -7.35 -9.76 -16.22
C ASP A 698 -6.62 -10.67 -17.20
N ILE A 699 -7.34 -11.55 -17.87
CA ILE A 699 -6.71 -12.48 -18.81
C ILE A 699 -6.35 -11.79 -20.13
N LEU A 700 -7.17 -10.84 -20.54
CA LEU A 700 -6.97 -10.12 -21.80
C LEU A 700 -5.76 -9.18 -21.73
N LYS A 701 -5.57 -8.55 -20.58
CA LYS A 701 -4.44 -7.65 -20.42
C LYS A 701 -3.16 -8.47 -20.23
N GLN A 702 -3.33 -9.66 -19.68
CA GLN A 702 -2.26 -10.65 -19.61
C GLN A 702 -1.82 -11.10 -21.00
N LEU A 703 -2.81 -11.34 -21.87
CA LEU A 703 -2.55 -11.71 -23.27
C LEU A 703 -1.71 -10.65 -23.98
N LEU A 704 -2.10 -9.38 -23.85
CA LEU A 704 -1.41 -8.27 -24.50
C LEU A 704 -0.03 -7.99 -23.91
N ALA A 705 0.10 -8.09 -22.59
CA ALA A 705 1.42 -8.11 -21.94
C ALA A 705 2.30 -9.19 -22.56
N ASN A 706 1.78 -10.42 -22.62
CA ASN A 706 2.50 -11.55 -23.24
C ASN A 706 2.97 -11.30 -24.67
N SER A 707 2.06 -10.85 -25.53
CA SER A 707 2.40 -10.60 -26.93
C SER A 707 3.27 -9.35 -27.10
N ALA A 708 3.14 -8.38 -26.19
CA ALA A 708 3.98 -7.16 -26.21
C ALA A 708 5.45 -7.52 -26.10
N GLN A 709 5.73 -8.51 -25.23
CA GLN A 709 7.08 -9.03 -25.03
C GLN A 709 7.68 -9.52 -26.35
N GLU A 710 6.90 -10.29 -27.12
CA GLU A 710 7.37 -10.84 -28.40
C GLU A 710 7.63 -9.73 -29.43
N TYR A 711 6.69 -8.79 -29.52
CA TYR A 711 6.82 -7.64 -30.42
C TYR A 711 8.04 -6.78 -30.08
N TYR A 712 8.29 -6.61 -28.78
CA TYR A 712 9.47 -5.92 -28.27
C TYR A 712 10.78 -6.59 -28.71
N GLU A 713 10.82 -7.92 -28.65
CA GLU A 713 12.01 -8.68 -29.01
C GLU A 713 12.33 -8.56 -30.50
N VAL A 714 11.28 -8.57 -31.31
CA VAL A 714 11.38 -8.48 -32.77
C VAL A 714 11.85 -7.08 -33.17
N MET A 715 11.36 -6.06 -32.47
CA MET A 715 11.67 -4.68 -32.84
C MET A 715 13.10 -4.23 -32.48
N CYS A 716 13.69 -4.80 -31.43
CA CYS A 716 15.08 -4.46 -31.17
C CYS A 716 16.09 -5.45 -31.76
N ASN A 717 15.58 -6.49 -32.41
CA ASN A 717 16.34 -7.27 -33.37
C ASN A 717 16.48 -6.43 -34.63
N ALA A 718 15.35 -5.86 -35.06
CA ALA A 718 15.27 -4.96 -36.20
C ALA A 718 16.19 -3.74 -36.11
N TYR A 719 16.27 -3.15 -34.92
CA TYR A 719 17.22 -2.07 -34.67
C TYR A 719 18.66 -2.57 -34.81
N ASN A 720 18.97 -3.70 -34.15
CA ASN A 720 20.30 -4.29 -34.16
C ASN A 720 20.73 -4.73 -35.55
N ASN A 721 19.76 -5.16 -36.37
CA ASN A 721 20.05 -5.69 -37.70
C ASN A 721 19.99 -4.65 -38.80
N GLY A 722 19.73 -3.40 -38.40
CA GLY A 722 19.85 -2.25 -39.29
C GLY A 722 18.58 -1.76 -39.97
N ASN A 723 17.54 -2.58 -39.96
CA ASN A 723 16.26 -2.23 -40.58
C ASN A 723 15.24 -1.87 -39.50
N GLY A 724 14.70 -0.65 -39.50
CA GLY A 724 14.81 0.32 -40.58
C GLY A 724 13.36 0.66 -40.86
N GLU A 725 12.84 0.13 -41.95
CA GLU A 725 11.42 0.13 -42.23
C GLU A 725 10.75 -0.94 -41.34
N LYS A 726 11.53 -1.97 -40.97
CA LYS A 726 11.06 -3.04 -40.11
C LYS A 726 10.77 -2.52 -38.70
N PHE A 727 11.80 -1.97 -38.05
CA PHE A 727 11.66 -1.38 -36.72
C PHE A 727 10.45 -0.46 -36.66
N LYS A 728 10.35 0.46 -37.61
CA LYS A 728 9.23 1.40 -37.65
C LYS A 728 7.89 0.68 -37.62
N PHE A 729 7.78 -0.37 -38.44
CA PHE A 729 6.55 -1.13 -38.57
C PHE A 729 6.19 -1.87 -37.28
N VAL A 730 7.16 -2.60 -36.73
CA VAL A 730 6.97 -3.39 -35.52
C VAL A 730 6.79 -2.48 -34.29
N SER A 731 7.56 -1.40 -34.22
CA SER A 731 7.41 -0.42 -33.14
C SER A 731 6.07 0.30 -33.23
N GLY A 732 5.57 0.48 -34.45
CA GLY A 732 4.25 1.05 -34.67
C GLY A 732 3.19 0.18 -34.03
N LYS A 733 3.26 -1.13 -34.32
CA LYS A 733 2.33 -2.13 -33.78
C LYS A 733 2.43 -2.25 -32.26
N PHE A 734 3.65 -2.12 -31.75
CA PHE A 734 3.92 -2.16 -30.31
C PHE A 734 3.17 -1.04 -29.59
N LEU A 735 3.29 0.18 -30.10
CA LEU A 735 2.61 1.33 -29.52
C LEU A 735 1.09 1.20 -29.65
N GLU A 736 0.63 0.67 -30.77
CA GLU A 736 -0.80 0.39 -30.99
C GLU A 736 -1.35 -0.69 -30.04
N LEU A 737 -0.54 -1.70 -29.76
CA LEU A 737 -0.87 -2.75 -28.79
C LEU A 737 -1.11 -2.15 -27.40
N ILE A 738 -0.27 -1.16 -27.04
CA ILE A 738 -0.41 -0.43 -25.77
C ILE A 738 -1.67 0.43 -25.75
N LYS A 739 -2.05 0.98 -26.91
CA LYS A 739 -3.27 1.78 -27.00
C LYS A 739 -4.52 0.91 -26.84
N LEU A 740 -4.45 -0.32 -27.33
CA LEU A 740 -5.50 -1.30 -27.12
C LEU A 740 -5.56 -1.74 -25.66
N GLN A 741 -4.39 -1.98 -25.07
CA GLN A 741 -4.27 -2.32 -23.65
C GLN A 741 -4.94 -1.26 -22.78
N GLU A 742 -4.66 0.01 -23.08
CA GLU A 742 -5.24 1.16 -22.38
C GLU A 742 -6.77 1.15 -22.38
N ARG A 743 -7.36 0.65 -23.46
CA ARG A 743 -8.81 0.55 -23.58
C ARG A 743 -9.33 -0.60 -22.75
N VAL A 744 -8.59 -1.72 -22.72
CA VAL A 744 -8.86 -2.83 -21.82
C VAL A 744 -8.85 -2.34 -20.35
N LEU A 745 -7.92 -1.45 -20.03
CA LEU A 745 -7.75 -0.96 -18.66
C LEU A 745 -8.78 0.09 -18.24
N SER A 746 -9.32 0.82 -19.21
CA SER A 746 -10.36 1.83 -18.95
C SER A 746 -11.65 1.19 -18.41
N THR A 747 -11.83 -0.09 -18.67
CA THR A 747 -12.99 -0.86 -18.25
C THR A 747 -13.21 -1.10 -16.78
N ARG A 748 -12.16 -1.09 -16.01
CA ARG A 748 -12.28 -1.40 -14.58
C ARG A 748 -12.03 -0.19 -13.71
N PRO A 749 -12.97 0.13 -12.79
CA PRO A 749 -12.75 1.17 -11.79
C PRO A 749 -11.46 0.96 -10.98
N GLU A 750 -11.12 -0.30 -10.72
CA GLU A 750 -9.92 -0.62 -9.95
C GLU A 750 -8.60 -0.32 -10.67
N PHE A 751 -8.63 -0.25 -12.01
CA PHE A 751 -7.45 0.09 -12.82
C PHE A 751 -7.28 1.60 -13.06
N LEU A 752 -8.12 2.43 -12.45
CA LEU A 752 -8.06 3.86 -12.73
C LEU A 752 -7.16 4.63 -11.74
N ILE A 753 -6.07 5.19 -12.27
CA ILE A 753 -5.18 6.05 -11.49
C ILE A 753 -5.95 7.18 -10.79
N GLY A 754 -7.01 7.67 -11.42
CA GLY A 754 -7.84 8.75 -10.87
C GLY A 754 -8.50 8.45 -9.53
N ASN A 755 -8.84 7.17 -9.32
CA ASN A 755 -9.40 6.72 -8.07
C ASN A 755 -8.33 6.72 -7.00
N TRP A 756 -7.15 6.26 -7.38
CA TRP A 756 -5.99 6.22 -6.52
C TRP A 756 -5.64 7.64 -6.09
N ILE A 757 -5.45 8.52 -7.07
CA ILE A 757 -5.13 9.94 -6.81
C ILE A 757 -6.20 10.67 -6.00
N GLU A 758 -7.47 10.56 -6.42
CA GLU A 758 -8.57 11.24 -5.72
C GLU A 758 -8.74 10.78 -4.27
N ASP A 759 -8.65 9.47 -4.06
CA ASP A 759 -8.71 8.91 -2.70
C ASP A 759 -7.65 9.53 -1.80
N ALA A 760 -6.42 9.64 -2.32
CA ALA A 760 -5.33 10.33 -1.64
C ALA A 760 -5.66 11.78 -1.33
N ARG A 761 -6.17 12.50 -2.35
CA ARG A 761 -6.46 13.95 -2.22
C ARG A 761 -7.62 14.28 -1.31
N THR A 762 -8.50 13.31 -1.04
CA THR A 762 -9.73 13.53 -0.28
C THR A 762 -9.84 12.64 0.97
N MET A 763 -8.76 11.95 1.34
CA MET A 763 -8.81 11.05 2.50
C MET A 763 -9.05 11.77 3.84
N LEU A 764 -8.80 13.07 3.89
CA LEU A 764 -9.10 13.87 5.06
C LEU A 764 -10.04 14.97 4.63
N LYS A 765 -10.83 15.50 5.55
CA LYS A 765 -11.60 16.70 5.22
C LYS A 765 -11.08 17.92 5.96
N ASP A 766 -11.44 19.11 5.45
CA ASP A 766 -10.91 20.37 5.96
C ASP A 766 -9.46 20.59 5.51
N SER A 767 -8.94 19.64 4.73
CA SER A 767 -7.61 19.70 4.09
C SER A 767 -7.43 20.97 3.30
N ASP A 768 -6.24 21.54 3.37
CA ASP A 768 -5.85 22.62 2.49
C ASP A 768 -5.27 22.05 1.20
N ASP A 769 -4.97 22.91 0.25
CA ASP A 769 -4.42 22.52 -1.05
C ASP A 769 -3.02 21.98 -0.90
N TRP A 770 -2.26 22.54 0.04
CA TRP A 770 -0.94 22.03 0.34
C TRP A 770 -1.01 20.53 0.64
N THR A 771 -1.88 20.13 1.55
CA THR A 771 -2.01 18.72 1.97
C THR A 771 -2.48 17.79 0.84
N LYS A 772 -3.42 18.27 0.03
CA LYS A 772 -3.97 17.49 -1.08
C LYS A 772 -2.88 17.24 -2.10
N ASP A 773 -2.22 18.32 -2.50
CA ASP A 773 -1.08 18.26 -3.44
C ASP A 773 0.02 17.32 -2.95
N LEU A 774 0.32 17.36 -1.65
CA LEU A 774 1.35 16.53 -1.05
C LEU A 774 0.93 15.06 -0.97
N PHE A 775 -0.36 14.82 -0.72
CA PHE A 775 -0.88 13.45 -0.69
C PHE A 775 -0.97 12.89 -2.11
N GLU A 776 -1.22 13.76 -3.09
CA GLU A 776 -1.15 13.36 -4.48
C GLU A 776 0.27 12.96 -4.88
N PHE A 777 1.27 13.70 -4.39
CA PHE A 777 2.70 13.35 -4.62
C PHE A 777 3.03 11.95 -4.10
N ASN A 778 2.59 11.67 -2.88
CA ASN A 778 2.72 10.35 -2.27
C ASN A 778 2.12 9.25 -3.15
N ALA A 779 0.94 9.51 -3.70
CA ALA A 779 0.19 8.55 -4.49
C ALA A 779 0.88 8.32 -5.82
N ARG A 780 1.29 9.42 -6.47
CA ARG A 780 2.03 9.34 -7.74
C ARG A 780 3.42 8.71 -7.58
N ALA A 781 4.16 9.16 -6.58
CA ALA A 781 5.52 8.63 -6.37
C ALA A 781 5.54 7.12 -6.14
N LEU A 782 4.68 6.62 -5.24
CA LEU A 782 4.69 5.20 -4.89
C LEU A 782 4.59 4.22 -6.08
N VAL A 783 3.70 4.52 -7.02
CA VAL A 783 3.41 3.61 -8.13
C VAL A 783 4.44 3.75 -9.29
N THR A 784 5.34 4.73 -9.18
CA THR A 784 6.33 5.01 -10.24
C THR A 784 7.79 5.04 -9.73
N THR A 785 8.34 6.24 -9.56
CA THR A 785 9.74 6.40 -9.08
C THR A 785 9.99 5.88 -7.67
N TRP A 786 8.91 5.70 -6.90
CA TRP A 786 8.97 5.26 -5.49
C TRP A 786 9.50 6.35 -4.55
N GLY A 787 10.79 6.69 -4.68
CA GLY A 787 11.41 7.81 -3.97
C GLY A 787 11.88 8.88 -4.95
N SER A 788 12.95 9.59 -4.61
CA SER A 788 13.59 10.48 -5.59
C SER A 788 14.80 9.79 -6.23
N ARG A 789 15.62 10.53 -6.97
CA ARG A 789 16.64 9.93 -7.87
C ARG A 789 17.43 8.81 -7.26
N ASN A 790 17.86 8.99 -6.01
CA ASN A 790 18.75 8.07 -5.33
C ASN A 790 18.05 6.83 -4.78
N ASN A 791 16.73 6.92 -4.68
CA ASN A 791 15.91 5.77 -4.28
C ASN A 791 15.44 5.00 -5.48
N ALA A 792 15.03 5.72 -6.52
CA ALA A 792 14.58 5.13 -7.76
C ALA A 792 15.72 4.43 -8.48
N ASP A 793 16.86 5.12 -8.59
CA ASP A 793 18.01 4.63 -9.38
C ASP A 793 18.99 3.79 -8.58
N GLY A 794 19.83 4.44 -7.76
CA GLY A 794 20.83 3.71 -6.96
C GLY A 794 20.21 2.76 -5.94
N GLY A 795 19.06 3.15 -5.41
CA GLY A 795 18.36 2.36 -4.41
C GLY A 795 17.62 1.16 -4.97
N GLY A 796 17.39 1.18 -6.29
CA GLY A 796 16.81 0.03 -7.01
C GLY A 796 15.30 -0.05 -7.04
N LEU A 797 14.62 1.02 -6.61
CA LEU A 797 13.17 1.02 -6.39
C LEU A 797 12.29 1.54 -7.54
N LYS A 798 12.93 2.00 -8.62
CA LYS A 798 12.23 2.38 -9.84
C LYS A 798 11.16 1.34 -10.24
N ASP A 799 9.92 1.82 -10.40
CA ASP A 799 8.79 1.02 -10.88
C ASP A 799 8.59 -0.29 -10.09
N TYR A 800 8.92 -0.27 -8.80
CA TYR A 800 8.75 -1.45 -7.96
C TYR A 800 7.26 -1.76 -7.85
N SER A 801 6.46 -0.70 -7.76
CA SER A 801 5.02 -0.83 -7.59
C SER A 801 4.29 -0.54 -8.91
N ASN A 802 4.87 -0.98 -10.03
CA ASN A 802 4.27 -0.72 -11.34
C ASN A 802 2.89 -1.35 -11.48
N ARG A 803 1.94 -0.54 -11.95
CA ARG A 803 0.55 -0.97 -12.09
C ARG A 803 0.10 -0.90 -13.54
N GLN A 804 -0.59 -1.95 -14.00
CA GLN A 804 -1.23 -1.95 -15.31
C GLN A 804 -2.56 -1.20 -15.17
N TRP A 805 -2.44 0.13 -15.11
CA TRP A 805 -3.52 1.04 -14.78
C TRP A 805 -3.79 2.01 -15.91
N SER A 806 -5.07 2.32 -16.07
CA SER A 806 -5.53 3.34 -16.99
C SER A 806 -5.01 4.70 -16.55
N GLY A 807 -4.71 5.57 -17.52
CA GLY A 807 -4.17 6.91 -17.25
C GLY A 807 -2.67 6.91 -17.03
N LEU A 808 -2.22 6.06 -16.10
CA LEU A 808 -0.80 5.80 -15.91
C LEU A 808 -0.17 5.19 -17.17
N THR A 809 -0.89 4.28 -17.83
CA THR A 809 -0.37 3.65 -19.05
C THR A 809 -0.26 4.66 -20.22
N GLU A 810 -1.31 5.47 -20.42
CA GLU A 810 -1.33 6.53 -21.42
C GLU A 810 -0.19 7.54 -21.24
N ASP A 811 -0.04 8.05 -20.02
CA ASP A 811 0.77 9.24 -19.77
C ASP A 811 2.16 9.00 -19.17
N TYR A 812 2.48 7.75 -18.89
CA TYR A 812 3.75 7.38 -18.27
C TYR A 812 4.43 6.26 -19.03
N TYR A 813 3.81 5.07 -19.08
CA TYR A 813 4.43 3.90 -19.73
C TYR A 813 4.53 4.05 -21.25
N TYR A 814 3.40 4.39 -21.88
CA TYR A 814 3.37 4.61 -23.32
C TYR A 814 4.33 5.74 -23.74
N ALA A 815 4.35 6.83 -22.96
CA ALA A 815 5.19 7.99 -23.22
C ALA A 815 6.69 7.67 -23.21
N ARG A 816 7.11 6.82 -22.28
CA ARG A 816 8.51 6.36 -22.19
C ARG A 816 8.92 5.56 -23.43
N TRP A 817 8.12 4.54 -23.78
CA TRP A 817 8.35 3.72 -24.98
C TRP A 817 8.34 4.53 -26.28
N GLU A 818 7.32 5.38 -26.46
CA GLU A 818 7.26 6.26 -27.62
C GLU A 818 8.56 7.08 -27.80
N LYS A 819 9.04 7.67 -26.71
CA LYS A 819 10.27 8.47 -26.72
C LYS A 819 11.51 7.66 -27.14
N TRP A 820 11.68 6.49 -26.52
CA TRP A 820 12.78 5.57 -26.83
C TRP A 820 12.76 5.12 -28.30
N ILE A 821 11.57 4.92 -28.83
CA ILE A 821 11.41 4.42 -30.20
C ILE A 821 11.75 5.50 -31.22
N ASN A 822 11.66 6.76 -30.80
CA ASN A 822 11.29 7.85 -31.71
C ASN A 822 12.50 8.38 -32.47
N GLY A 823 13.57 8.68 -31.75
CA GLY A 823 14.14 7.74 -30.80
C GLY A 823 15.29 6.95 -31.38
N LEU A 824 15.13 5.63 -31.42
CA LEU A 824 16.03 4.78 -32.18
C LEU A 824 15.80 5.00 -33.68
N GLN A 825 14.57 5.38 -34.04
CA GLN A 825 14.20 5.68 -35.42
C GLN A 825 15.06 6.79 -36.03
N ALA A 826 15.17 7.92 -35.31
CA ALA A 826 16.03 9.03 -35.73
C ALA A 826 17.46 8.57 -36.02
N GLU A 827 17.94 7.56 -35.29
CA GLU A 827 19.24 6.94 -35.56
C GLU A 827 19.19 6.12 -36.84
N LEU A 828 18.44 5.01 -36.79
CA LEU A 828 18.23 4.13 -37.96
C LEU A 828 17.98 4.86 -39.29
N ASP A 829 17.46 6.09 -39.23
CA ASP A 829 17.15 6.89 -40.41
C ASP A 829 18.25 7.87 -40.81
N GLY A 830 19.48 7.63 -40.35
CA GLY A 830 20.59 8.52 -40.63
C GLY A 830 20.53 9.81 -39.82
N GLY A 831 20.66 9.68 -38.51
CA GLY A 831 20.73 10.83 -37.63
C GLY A 831 21.51 10.45 -36.40
N ALA A 832 21.11 11.00 -35.25
CA ALA A 832 21.55 10.51 -33.93
C ALA A 832 23.10 10.45 -33.84
N LYS A 833 23.75 9.48 -33.17
CA LYS A 833 23.24 8.34 -32.38
C LYS A 833 22.22 8.71 -31.30
N ALA A 834 21.31 7.78 -31.00
CA ALA A 834 20.27 8.01 -29.99
C ALA A 834 20.91 8.37 -28.65
N PRO A 835 20.45 9.45 -28.02
CA PRO A 835 21.04 9.93 -26.78
C PRO A 835 20.64 9.05 -25.60
N ASN A 836 21.41 9.14 -24.52
CA ASN A 836 21.06 8.46 -23.29
C ASN A 836 19.90 9.21 -22.62
N ILE A 837 18.79 8.53 -22.38
CA ILE A 837 17.63 9.15 -21.75
C ILE A 837 17.72 9.10 -20.22
N ASP A 838 17.67 10.28 -19.59
CA ASP A 838 17.56 10.38 -18.13
C ASP A 838 16.11 10.12 -17.77
N TRP A 839 15.79 8.84 -17.57
CA TRP A 839 14.41 8.40 -17.35
C TRP A 839 13.80 8.97 -16.09
N PHE A 840 14.54 8.96 -14.99
CA PHE A 840 14.02 9.45 -13.74
C PHE A 840 13.44 10.87 -13.84
N LYS A 841 14.16 11.74 -14.55
CA LYS A 841 13.75 13.12 -14.76
C LYS A 841 12.37 13.16 -15.42
N MET A 842 12.18 12.31 -16.42
CA MET A 842 10.92 12.19 -17.14
C MET A 842 9.78 11.65 -16.27
N GLU A 843 10.12 10.67 -15.41
CA GLU A 843 9.15 10.04 -14.52
C GLU A 843 8.74 10.96 -13.37
N TYR A 844 9.72 11.70 -12.85
CA TYR A 844 9.49 12.58 -11.71
C TYR A 844 8.72 13.83 -12.12
N ASP A 845 8.78 14.15 -13.40
CA ASP A 845 7.99 15.25 -13.97
C ASP A 845 6.50 14.93 -13.87
N TRP A 846 6.14 13.69 -14.15
CA TRP A 846 4.75 13.23 -14.03
C TRP A 846 4.33 13.12 -12.57
N VAL A 847 5.26 12.66 -11.72
CA VAL A 847 5.00 12.45 -10.30
C VAL A 847 4.55 13.73 -9.61
N ASN A 848 5.14 14.85 -10.03
CA ASN A 848 4.91 16.16 -9.37
C ASN A 848 3.75 16.96 -9.92
N LYS A 849 3.08 16.46 -10.96
CA LYS A 849 1.91 17.15 -11.52
C LYS A 849 0.70 17.07 -10.60
N LYS A 850 -0.13 18.12 -10.62
CA LYS A 850 -1.25 18.23 -9.70
C LYS A 850 -2.57 18.14 -10.44
N SER A 851 -3.51 17.40 -9.87
CA SER A 851 -4.81 17.14 -10.49
C SER A 851 -5.67 18.38 -10.77
N ASP A 852 -5.45 19.43 -9.98
CA ASP A 852 -6.26 20.65 -10.12
C ASP A 852 -5.66 21.72 -11.05
N THR A 853 -4.47 21.47 -11.60
CA THR A 853 -3.81 22.42 -12.51
C THR A 853 -3.29 21.76 -13.78
N ASP A 854 -2.87 20.50 -13.67
CA ASP A 854 -2.35 19.78 -14.82
C ASP A 854 -3.48 18.98 -15.51
N LYS A 855 -3.70 17.75 -15.10
CA LYS A 855 -4.75 16.94 -15.67
C LYS A 855 -5.48 16.17 -14.58
N LEU A 856 -6.81 16.20 -14.65
CA LEU A 856 -7.65 15.46 -13.72
C LEU A 856 -8.00 14.12 -14.35
N TYR A 857 -7.47 13.04 -13.77
CA TYR A 857 -7.78 11.70 -14.22
C TYR A 857 -9.20 11.28 -13.80
N PRO A 858 -9.91 10.54 -14.69
CA PRO A 858 -11.28 10.05 -14.45
C PRO A 858 -11.41 9.06 -13.28
N THR A 859 -12.56 9.10 -12.61
CA THR A 859 -12.89 8.12 -11.58
C THR A 859 -14.00 7.19 -12.07
N GLU A 860 -14.32 7.34 -13.35
CA GLU A 860 -15.38 6.60 -14.00
C GLU A 860 -14.82 5.69 -15.07
N ALA A 861 -15.15 4.41 -14.99
CA ALA A 861 -14.76 3.42 -15.99
C ALA A 861 -15.50 3.63 -17.32
N SER A 862 -14.95 3.09 -18.41
CA SER A 862 -15.58 3.22 -19.72
C SER A 862 -16.52 2.05 -20.03
N ASN A 863 -17.27 2.18 -21.12
CA ASN A 863 -18.21 1.14 -21.59
C ASN A 863 -17.64 0.25 -22.68
N GLU A 864 -16.32 0.22 -22.83
CA GLU A 864 -15.70 -0.61 -23.87
C GLU A 864 -16.10 -2.07 -23.68
N ASN A 865 -16.25 -2.75 -24.80
CA ASN A 865 -16.72 -4.11 -24.85
C ASN A 865 -15.54 -5.08 -24.87
N LEU A 866 -15.34 -5.82 -23.77
CA LEU A 866 -14.17 -6.69 -23.65
C LEU A 866 -14.13 -7.80 -24.70
N GLY A 867 -15.32 -8.32 -25.07
CA GLY A 867 -15.45 -9.29 -26.15
C GLY A 867 -14.89 -8.77 -27.46
N GLU A 868 -15.28 -7.55 -27.81
CA GLU A 868 -14.79 -6.86 -29.01
C GLU A 868 -13.29 -6.58 -28.97
N LEU A 869 -12.84 -6.07 -27.82
CA LEU A 869 -11.43 -5.77 -27.60
C LEU A 869 -10.58 -7.03 -27.73
N ALA A 870 -11.14 -8.15 -27.25
CA ALA A 870 -10.50 -9.46 -27.36
C ALA A 870 -10.35 -9.94 -28.81
N LYS A 871 -11.38 -9.74 -29.63
CA LYS A 871 -11.33 -10.04 -31.06
C LYS A 871 -10.20 -9.29 -31.78
N ILE A 872 -10.11 -7.98 -31.53
CA ILE A 872 -9.01 -7.13 -32.02
C ILE A 872 -7.63 -7.61 -31.51
N ALA A 873 -7.57 -8.05 -30.26
CA ALA A 873 -6.35 -8.62 -29.69
C ALA A 873 -5.89 -9.88 -30.45
N MET A 874 -6.80 -10.84 -30.62
CA MET A 874 -6.52 -12.09 -31.34
C MET A 874 -6.14 -11.89 -32.81
N GLU A 875 -6.89 -11.02 -33.49
CA GLU A 875 -6.68 -10.76 -34.91
C GLU A 875 -5.38 -10.02 -35.20
N SER A 876 -5.05 -9.03 -34.38
CA SER A 876 -4.02 -8.05 -34.73
C SER A 876 -2.79 -8.05 -33.83
N TYR A 877 -2.97 -8.35 -32.54
CA TYR A 877 -1.90 -8.18 -31.56
C TYR A 877 -1.60 -9.45 -30.74
N SER A 878 -1.64 -10.61 -31.39
CA SER A 878 -1.44 -11.88 -30.68
C SER A 878 -0.16 -12.61 -31.09
N VAL A 879 0.15 -13.67 -30.35
CA VAL A 879 1.29 -14.53 -30.65
C VAL A 879 0.89 -15.57 -31.69
N THR A 880 -0.35 -15.99 -31.61
CA THR A 880 -0.91 -16.98 -32.49
C THR A 880 -0.83 -16.54 -33.95
N ASN A 881 -1.39 -15.38 -34.27
CA ASN A 881 -1.37 -14.79 -35.62
C ASN A 881 -0.21 -13.89 -35.91
N MET A 882 0.70 -13.86 -34.98
CA MET A 882 1.89 -12.97 -35.05
C MET A 882 2.61 -12.98 -36.40
N ASP A 883 2.63 -14.14 -37.05
CA ASP A 883 3.26 -14.27 -38.37
C ASP A 883 4.58 -15.02 -38.28
N LYS A 884 5.23 -15.09 -39.35
#